data_2AWD
#
_entry.id   2AWD
#
_cell.length_a   65.209
_cell.length_b   62.236
_cell.length_c   91.972
_cell.angle_alpha   90.00
_cell.angle_beta   99.28
_cell.angle_gamma   90.00
#
_symmetry.space_group_name_H-M   'P 1 21 1'
#
loop_
_entity.id
_entity.type
_entity.pdbx_description
1 polymer 'tagatose-6-phosphate kinase'
2 non-polymer 'BROMIDE ION'
3 water water
#
_entity_poly.entity_id   1
_entity_poly.type   'polypeptide(L)'
_entity_poly.pdbx_seq_one_letter_code
;(MSE)SLIVTVT(MSE)NPSIDISYLLDHLKLDTVNRTSQVTKTPGGKGLNVTRVIHDLGGDVIATGVLGGFHGAFIANE
LKKANIPQAFTSIKEETRDSIAILHEGNQTEILEAGPTVSPEEISNFLENFDQLIKQAEIVTISGSLAKGLPSDFYQELV
QKAHAQEVKVLLDTSGDSLRQVLQGPWKPYLIKPNLEELEGLLGQDFSENPLAAVQTALTKP(MSE)FAGIEWIVISLGK
DGAIAKHHDQFYRVKIPTIQAKNPVGSGDATIAGLAYGLAKDAPAAELLKWG(MSE)AAG(MSE)ANAQER(MSE)TGHV
DVENVKKHL(MSE)NIQVVEIAKEGHHHHHH
;
_entity_poly.pdbx_strand_id   A,B
#
loop_
_chem_comp.id
_chem_comp.type
_chem_comp.name
_chem_comp.formula
BR non-polymer 'BROMIDE ION' 'Br -1'
#
# COMPACT_ATOMS: atom_id res chain seq x y z
N SER A 2 -12.34 22.53 -25.21
CA SER A 2 -11.03 23.12 -24.80
C SER A 2 -10.31 22.27 -23.73
N LEU A 3 -9.00 22.23 -23.83
CA LEU A 3 -8.19 21.39 -23.03
C LEU A 3 -8.01 21.92 -21.59
N ILE A 4 -8.22 20.99 -20.67
CA ILE A 4 -8.01 21.20 -19.26
C ILE A 4 -6.80 20.41 -18.83
N VAL A 5 -5.82 21.09 -18.25
CA VAL A 5 -4.64 20.43 -17.63
C VAL A 5 -4.88 20.30 -16.11
N THR A 6 -4.81 19.08 -15.57
CA THR A 6 -4.86 18.89 -14.09
C THR A 6 -3.43 18.76 -13.52
N VAL A 7 -3.22 19.36 -12.37
CA VAL A 7 -1.97 19.26 -11.63
C VAL A 7 -2.12 18.45 -10.32
N THR A 8 -1.30 17.40 -10.21
CA THR A 8 -1.17 16.56 -9.00
C THR A 8 0.28 16.49 -8.60
N MSE A 9 0.71 17.31 -7.64
CA MSE A 9 2.15 17.35 -7.26
C MSE A 9 2.58 16.24 -6.32
O MSE A 9 3.79 16.02 -6.16
CB MSE A 9 2.58 18.71 -6.69
CG MSE A 9 2.44 19.88 -7.61
SE MSE A 9 3.21 19.58 -9.42
CE MSE A 9 5.06 19.41 -8.98
N ASN A 10 1.64 15.52 -5.73
CA ASN A 10 1.96 14.40 -4.86
C ASN A 10 0.93 13.28 -5.09
N PRO A 11 0.94 12.67 -6.28
CA PRO A 11 0.04 11.58 -6.61
C PRO A 11 0.28 10.36 -5.72
N SER A 12 -0.74 9.55 -5.62
CA SER A 12 -0.69 8.33 -4.82
C SER A 12 -1.40 7.18 -5.48
N ILE A 13 -0.98 5.97 -5.11
CA ILE A 13 -1.82 4.80 -5.28
C ILE A 13 -2.78 4.79 -4.09
N ASP A 14 -4.06 5.01 -4.38
CA ASP A 14 -5.10 4.92 -3.39
C ASP A 14 -5.48 3.43 -3.24
N ILE A 15 -5.09 2.85 -2.12
CA ILE A 15 -5.40 1.49 -1.77
C ILE A 15 -6.61 1.53 -0.86
N SER A 16 -7.70 0.88 -1.25
CA SER A 16 -8.89 0.76 -0.38
C SER A 16 -9.24 -0.67 -0.02
N TYR A 17 -9.47 -0.89 1.26
CA TYR A 17 -9.80 -2.20 1.86
C TYR A 17 -11.19 -2.12 2.51
N LEU A 18 -12.11 -2.99 2.09
CA LEU A 18 -13.35 -3.20 2.86
C LEU A 18 -13.12 -4.36 3.79
N LEU A 19 -13.25 -4.09 5.09
CA LEU A 19 -13.27 -5.10 6.13
C LEU A 19 -14.58 -4.91 6.90
N ASP A 20 -15.33 -5.99 7.12
CA ASP A 20 -16.51 -5.87 7.97
C ASP A 20 -16.12 -5.61 9.43
N HIS A 21 -14.96 -6.11 9.83
CA HIS A 21 -14.36 -5.83 11.14
C HIS A 21 -12.90 -5.46 10.98
N LEU A 22 -12.47 -4.38 11.62
CA LEU A 22 -11.04 -4.08 11.78
C LEU A 22 -10.63 -4.48 13.19
N LYS A 23 -9.66 -5.39 13.28
CA LYS A 23 -9.21 -5.92 14.56
C LYS A 23 -7.78 -5.49 14.87
N LEU A 24 -7.64 -4.67 15.91
CA LEU A 24 -6.33 -4.11 16.31
C LEU A 24 -5.42 -5.18 16.91
N ASP A 25 -4.12 -5.05 16.65
CA ASP A 25 -3.10 -5.95 17.18
C ASP A 25 -3.24 -7.40 16.65
N THR A 26 -3.82 -7.54 15.46
CA THR A 26 -4.06 -8.85 14.86
C THR A 26 -4.22 -8.76 13.32
N VAL A 27 -3.96 -9.89 12.65
CA VAL A 27 -3.97 -9.96 11.20
C VAL A 27 -5.39 -9.86 10.68
N ASN A 28 -5.63 -8.94 9.74
CA ASN A 28 -6.93 -8.79 9.09
C ASN A 28 -6.81 -9.19 7.62
N ARG A 29 -7.61 -10.15 7.18
CA ARG A 29 -7.52 -10.68 5.81
C ARG A 29 -8.65 -10.16 4.96
N THR A 30 -8.36 -9.86 3.71
CA THR A 30 -9.41 -9.49 2.78
C THR A 30 -8.98 -9.77 1.36
N SER A 31 -9.96 -9.96 0.50
CA SER A 31 -9.75 -9.96 -0.94
C SER A 31 -10.49 -8.78 -1.55
N GLN A 32 -11.09 -7.94 -0.69
CA GLN A 32 -11.81 -6.75 -1.12
C GLN A 32 -10.81 -5.58 -1.21
N VAL A 33 -10.04 -5.50 -2.29
CA VAL A 33 -9.00 -4.46 -2.47
C VAL A 33 -9.05 -3.77 -3.82
N THR A 34 -8.96 -2.44 -3.82
CA THR A 34 -8.80 -1.70 -5.06
C THR A 34 -7.61 -0.77 -4.91
N LYS A 35 -6.83 -0.66 -5.98
CA LYS A 35 -5.76 0.29 -6.03
C LYS A 35 -5.98 1.18 -7.25
N THR A 36 -5.98 2.49 -7.02
CA THR A 36 -6.45 3.45 -8.00
C THR A 36 -5.53 4.66 -8.06
N PRO A 37 -5.37 5.26 -9.25
CA PRO A 37 -4.69 6.56 -9.28
C PRO A 37 -5.39 7.61 -8.39
N GLY A 38 -4.63 8.24 -7.51
CA GLY A 38 -5.20 9.10 -6.45
C GLY A 38 -4.35 10.33 -6.17
N GLY A 39 -4.75 11.10 -5.16
CA GLY A 39 -4.28 12.49 -5.05
C GLY A 39 -5.37 13.38 -5.66
N LYS A 40 -5.59 14.55 -5.07
CA LYS A 40 -6.74 15.35 -5.38
C LYS A 40 -6.81 15.63 -6.88
N GLY A 41 -5.69 15.95 -7.50
CA GLY A 41 -5.70 16.26 -8.92
C GLY A 41 -6.10 15.09 -9.81
N LEU A 42 -5.89 13.86 -9.34
CA LEU A 42 -6.23 12.66 -10.09
C LEU A 42 -7.68 12.30 -9.91
N ASN A 43 -8.25 12.56 -8.73
CA ASN A 43 -9.71 12.55 -8.57
C ASN A 43 -10.38 13.52 -9.59
N VAL A 44 -9.85 14.73 -9.69
CA VAL A 44 -10.35 15.73 -10.59
C VAL A 44 -10.32 15.20 -12.01
N THR A 45 -9.16 14.71 -12.40
CA THR A 45 -8.95 14.16 -13.72
C THR A 45 -9.96 13.10 -14.14
N ARG A 46 -10.20 12.15 -13.25
CA ARG A 46 -11.06 11.02 -13.59
C ARG A 46 -12.51 11.49 -13.75
N VAL A 47 -12.96 12.43 -12.90
CA VAL A 47 -14.30 12.99 -13.03
C VAL A 47 -14.42 13.80 -14.34
N ILE A 48 -13.43 14.63 -14.66
CA ILE A 48 -13.49 15.32 -15.96
C ILE A 48 -13.60 14.37 -17.15
N HIS A 49 -12.77 13.33 -17.11
CA HIS A 49 -12.81 12.30 -18.14
C HIS A 49 -14.19 11.61 -18.23
N ASP A 50 -14.75 11.25 -17.09
CA ASP A 50 -16.14 10.74 -17.00
C ASP A 50 -17.22 11.69 -17.55
N LEU A 51 -17.09 12.98 -17.27
CA LEU A 51 -18.02 13.97 -17.77
C LEU A 51 -17.90 14.10 -19.27
N GLY A 52 -16.78 13.66 -19.86
CA GLY A 52 -16.57 13.77 -21.31
C GLY A 52 -15.65 14.93 -21.69
N GLY A 53 -14.97 15.50 -20.69
CA GLY A 53 -14.11 16.63 -20.91
C GLY A 53 -12.80 16.24 -21.59
N ASP A 54 -12.17 17.23 -22.18
CA ASP A 54 -10.88 17.12 -22.80
C ASP A 54 -9.87 17.44 -21.69
N VAL A 55 -9.26 16.40 -21.10
CA VAL A 55 -8.34 16.50 -19.94
C VAL A 55 -6.99 15.88 -20.23
N ILE A 56 -5.94 16.45 -19.61
CA ILE A 56 -4.63 15.83 -19.50
C ILE A 56 -4.00 16.07 -18.10
N ALA A 57 -3.51 14.97 -17.51
CA ALA A 57 -2.94 15.01 -16.16
C ALA A 57 -1.43 15.20 -16.15
N THR A 58 -0.99 16.14 -15.33
CA THR A 58 0.42 16.29 -15.06
C THR A 58 0.65 16.34 -13.55
N GLY A 59 1.92 16.36 -13.23
CA GLY A 59 2.42 16.19 -11.89
C GLY A 59 3.78 15.51 -11.99
N VAL A 60 4.15 14.82 -10.93
CA VAL A 60 5.37 14.03 -10.89
C VAL A 60 5.08 12.61 -10.47
N LEU A 61 5.78 11.68 -11.13
CA LEU A 61 5.66 10.25 -10.86
C LEU A 61 7.07 9.67 -10.77
N GLY A 62 7.29 8.88 -9.73
CA GLY A 62 8.56 8.20 -9.53
C GLY A 62 8.47 6.71 -9.31
N GLY A 63 9.46 6.04 -9.86
CA GLY A 63 9.68 4.61 -9.68
C GLY A 63 8.58 3.70 -10.17
N PHE A 64 8.51 2.54 -9.54
CA PHE A 64 7.61 1.50 -9.95
C PHE A 64 6.17 1.81 -9.54
N HIS A 65 5.99 2.50 -8.42
CA HIS A 65 4.65 2.90 -7.99
C HIS A 65 4.12 3.99 -8.93
N GLY A 66 5.00 4.88 -9.38
CA GLY A 66 4.59 5.88 -10.36
C GLY A 66 4.24 5.27 -11.68
N ALA A 67 5.06 4.30 -12.14
CA ALA A 67 4.83 3.51 -13.39
C ALA A 67 3.52 2.74 -13.34
N PHE A 68 3.16 2.27 -12.16
CA PHE A 68 1.85 1.65 -11.96
C PHE A 68 0.70 2.65 -12.21
N ILE A 69 0.86 3.88 -11.69
CA ILE A 69 -0.15 4.92 -11.91
C ILE A 69 -0.21 5.28 -13.39
N ALA A 70 0.94 5.53 -14.00
CA ALA A 70 0.98 5.82 -15.43
C ALA A 70 0.26 4.75 -16.24
N ASN A 71 0.43 3.48 -15.87
CA ASN A 71 -0.19 2.38 -16.60
C ASN A 71 -1.70 2.29 -16.44
N GLU A 72 -2.21 2.51 -15.22
CA GLU A 72 -3.65 2.50 -15.00
C GLU A 72 -4.37 3.62 -15.79
N LEU A 73 -3.73 4.79 -15.87
CA LEU A 73 -4.26 5.89 -16.64
C LEU A 73 -4.32 5.51 -18.12
N LYS A 74 -3.27 4.85 -18.63
CA LYS A 74 -3.23 4.37 -20.01
C LYS A 74 -4.41 3.43 -20.31
N LYS A 75 -4.68 2.50 -19.39
CA LYS A 75 -5.80 1.56 -19.50
C LYS A 75 -7.16 2.27 -19.43
N ALA A 76 -7.18 3.44 -18.78
CA ALA A 76 -8.39 4.25 -18.69
C ALA A 76 -8.52 5.21 -19.89
N ASN A 77 -7.49 5.30 -20.72
CA ASN A 77 -7.42 6.23 -21.85
C ASN A 77 -7.45 7.69 -21.39
N ILE A 78 -6.89 7.93 -20.21
CA ILE A 78 -6.75 9.29 -19.68
C ILE A 78 -5.38 9.79 -20.11
N PRO A 79 -5.32 10.83 -20.96
CA PRO A 79 -4.03 11.33 -21.37
C PRO A 79 -3.23 11.88 -20.19
N GLN A 80 -1.92 11.78 -20.28
CA GLN A 80 -1.05 12.12 -19.20
C GLN A 80 0.20 12.71 -19.76
N ALA A 81 0.80 13.61 -18.98
CA ALA A 81 2.07 14.23 -19.26
C ALA A 81 2.80 14.56 -17.96
N PHE A 82 2.90 13.55 -17.08
CA PHE A 82 3.73 13.63 -15.85
C PHE A 82 5.22 13.72 -16.16
N THR A 83 5.97 14.36 -15.27
CA THR A 83 7.44 14.32 -15.34
C THR A 83 7.95 13.34 -14.29
N SER A 84 9.16 12.85 -14.51
CA SER A 84 9.74 11.79 -13.69
C SER A 84 10.54 12.33 -12.55
N ILE A 85 10.43 11.66 -11.42
CA ILE A 85 11.34 11.84 -10.32
C ILE A 85 11.95 10.50 -9.91
N LYS A 86 13.08 10.59 -9.19
CA LYS A 86 13.80 9.39 -8.73
C LYS A 86 13.07 8.65 -7.60
N GLU A 87 12.57 9.36 -6.61
CA GLU A 87 11.96 8.70 -5.48
C GLU A 87 10.58 8.15 -5.81
N GLU A 88 10.20 7.08 -5.13
CA GLU A 88 8.96 6.39 -5.37
C GLU A 88 7.72 7.21 -5.00
N THR A 89 6.74 7.15 -5.89
CA THR A 89 5.40 7.66 -5.66
C THR A 89 4.80 6.91 -4.47
N ARG A 90 4.03 7.64 -3.68
CA ARG A 90 3.52 7.16 -2.42
C ARG A 90 2.27 6.30 -2.60
N ASP A 91 1.93 5.56 -1.56
CA ASP A 91 0.65 4.90 -1.42
C ASP A 91 -0.18 5.67 -0.41
N SER A 92 -1.50 5.58 -0.52
CA SER A 92 -2.41 6.03 0.52
C SER A 92 -3.27 4.85 0.88
N ILE A 93 -3.61 4.72 2.16
CA ILE A 93 -4.40 3.60 2.64
C ILE A 93 -5.72 4.13 3.18
N ALA A 94 -6.82 3.56 2.69
CA ALA A 94 -8.16 3.81 3.23
C ALA A 94 -8.78 2.48 3.65
N ILE A 95 -8.96 2.27 4.94
CA ILE A 95 -9.62 1.06 5.47
C ILE A 95 -11.09 1.36 5.81
N LEU A 96 -12.01 0.65 5.17
CA LEU A 96 -13.44 0.89 5.35
C LEU A 96 -13.97 -0.21 6.28
N HIS A 97 -14.44 0.19 7.46
CA HIS A 97 -14.85 -0.80 8.47
C HIS A 97 -15.94 -0.27 9.40
N GLU A 98 -17.09 -0.96 9.40
CA GLU A 98 -18.21 -0.64 10.28
C GLU A 98 -18.60 0.84 10.12
N GLY A 99 -18.83 1.24 8.88
CA GLY A 99 -19.21 2.63 8.55
C GLY A 99 -18.02 3.58 8.45
N ASN A 100 -16.94 3.26 9.18
CA ASN A 100 -15.79 4.18 9.33
C ASN A 100 -14.89 4.30 8.09
N GLN A 101 -14.00 5.28 8.14
CA GLN A 101 -12.87 5.40 7.19
C GLN A 101 -11.61 5.82 7.92
N THR A 102 -10.82 4.84 8.35
CA THR A 102 -9.49 5.07 8.89
C THR A 102 -8.54 5.17 7.71
N GLU A 103 -7.66 6.18 7.73
CA GLU A 103 -6.72 6.40 6.63
C GLU A 103 -5.31 6.62 7.13
N ILE A 104 -4.37 6.19 6.30
CA ILE A 104 -2.97 6.47 6.54
C ILE A 104 -2.47 7.15 5.28
N LEU A 105 -1.88 8.33 5.48
CA LEU A 105 -1.31 9.09 4.40
C LEU A 105 0.20 9.14 4.61
N GLU A 106 0.93 8.95 3.52
CA GLU A 106 2.37 9.03 3.53
C GLU A 106 2.78 10.45 3.16
N ALA A 107 3.92 10.88 3.70
CA ALA A 107 4.51 12.16 3.31
C ALA A 107 4.91 12.15 1.84
N GLY A 108 5.44 11.02 1.38
CA GLY A 108 5.74 10.86 0.01
C GLY A 108 7.16 11.21 -0.34
N PRO A 109 7.46 11.19 -1.64
CA PRO A 109 8.81 11.41 -2.14
C PRO A 109 9.26 12.88 -2.02
N THR A 110 10.58 13.06 -2.09
CA THR A 110 11.18 14.37 -2.18
C THR A 110 11.58 14.60 -3.61
N VAL A 111 11.15 15.75 -4.14
CA VAL A 111 11.47 16.17 -5.50
C VAL A 111 12.74 17.03 -5.41
N SER A 112 13.75 16.74 -6.23
CA SER A 112 14.97 17.55 -6.27
C SER A 112 14.82 18.86 -7.07
N PRO A 113 15.68 19.85 -6.78
CA PRO A 113 15.68 21.08 -7.57
C PRO A 113 15.80 20.87 -9.08
N GLU A 114 16.59 19.89 -9.53
CA GLU A 114 16.66 19.57 -10.97
C GLU A 114 15.32 19.02 -11.45
N GLU A 115 14.70 18.18 -10.63
CA GLU A 115 13.43 17.61 -11.02
C GLU A 115 12.31 18.65 -11.09
N ILE A 116 12.33 19.65 -10.20
CA ILE A 116 11.37 20.77 -10.22
C ILE A 116 11.53 21.56 -11.52
N SER A 117 12.76 21.90 -11.87
CA SER A 117 13.03 22.56 -13.11
C SER A 117 12.44 21.82 -14.32
N ASN A 118 12.70 20.52 -14.36
CA ASN A 118 12.22 19.67 -15.40
C ASN A 118 10.69 19.62 -15.48
N PHE A 119 10.04 19.52 -14.32
CA PHE A 119 8.60 19.67 -14.28
C PHE A 119 8.13 21.00 -14.90
N LEU A 120 8.76 22.10 -14.50
CA LEU A 120 8.35 23.44 -14.90
C LEU A 120 8.56 23.69 -16.42
N GLU A 121 9.64 23.14 -16.96
CA GLU A 121 9.84 23.14 -18.43
C GLU A 121 8.70 22.42 -19.14
N ASN A 122 8.35 21.24 -18.65
CA ASN A 122 7.24 20.47 -19.23
C ASN A 122 5.91 21.22 -19.09
N PHE A 123 5.68 21.78 -17.90
CA PHE A 123 4.48 22.54 -17.60
C PHE A 123 4.29 23.72 -18.55
N ASP A 124 5.35 24.47 -18.77
CA ASP A 124 5.33 25.58 -19.74
C ASP A 124 4.84 25.13 -21.13
N GLN A 125 5.34 24.01 -21.63
CA GLN A 125 4.89 23.51 -22.92
C GLN A 125 3.44 23.06 -22.89
N LEU A 126 3.09 22.35 -21.84
CA LEU A 126 1.74 21.83 -21.71
C LEU A 126 0.73 22.94 -21.76
N ILE A 127 1.00 23.98 -20.97
CA ILE A 127 0.09 25.07 -20.74
C ILE A 127 -0.09 25.92 -22.00
N LYS A 128 0.89 25.86 -22.92
CA LYS A 128 0.70 26.43 -24.27
C LYS A 128 -0.43 25.78 -25.07
N GLN A 129 -0.83 24.56 -24.71
CA GLN A 129 -1.89 23.83 -25.40
C GLN A 129 -3.24 23.87 -24.67
N ALA A 130 -3.26 24.40 -23.44
CA ALA A 130 -4.47 24.39 -22.60
C ALA A 130 -5.29 25.68 -22.64
N GLU A 131 -6.54 25.59 -22.22
CA GLU A 131 -7.34 26.76 -21.93
C GLU A 131 -7.57 26.93 -20.41
N ILE A 132 -7.49 25.82 -19.69
CA ILE A 132 -7.80 25.75 -18.27
C ILE A 132 -6.79 24.79 -17.58
N VAL A 133 -6.42 25.16 -16.37
CA VAL A 133 -5.57 24.34 -15.50
C VAL A 133 -6.23 24.28 -14.14
N THR A 134 -6.35 23.06 -13.60
CA THR A 134 -6.74 22.85 -12.22
C THR A 134 -5.50 22.55 -11.37
N ILE A 135 -5.46 23.17 -10.18
CA ILE A 135 -4.39 23.00 -9.22
C ILE A 135 -4.98 22.67 -7.85
N SER A 136 -4.71 21.45 -7.40
CA SER A 136 -5.35 20.88 -6.22
C SER A 136 -4.32 20.15 -5.39
N GLY A 137 -4.59 20.05 -4.10
CA GLY A 137 -3.98 19.05 -3.26
C GLY A 137 -2.64 19.44 -2.71
N SER A 138 -1.97 18.44 -2.17
CA SER A 138 -0.78 18.65 -1.43
C SER A 138 0.46 18.70 -2.31
N LEU A 139 1.44 19.45 -1.82
CA LEU A 139 2.75 19.55 -2.45
C LEU A 139 3.65 18.41 -1.99
N ALA A 140 4.42 17.84 -2.90
CA ALA A 140 5.42 16.85 -2.52
C ALA A 140 6.54 17.54 -1.74
N LYS A 141 7.25 16.76 -0.93
CA LYS A 141 8.39 17.28 -0.20
C LYS A 141 9.41 17.77 -1.21
N GLY A 142 10.12 18.83 -0.84
CA GLY A 142 11.04 19.50 -1.75
C GLY A 142 10.50 20.72 -2.47
N LEU A 143 9.19 20.85 -2.58
CA LEU A 143 8.61 21.99 -3.28
C LEU A 143 8.44 23.09 -2.26
N PRO A 144 8.79 24.33 -2.62
CA PRO A 144 8.51 25.42 -1.71
C PRO A 144 7.02 25.65 -1.56
N SER A 145 6.65 26.20 -0.40
CA SER A 145 5.27 26.42 -0.03
C SER A 145 4.50 27.33 -1.03
N ASP A 146 5.21 28.25 -1.70
CA ASP A 146 4.60 29.13 -2.70
C ASP A 146 4.68 28.58 -4.14
N PHE A 147 4.93 27.28 -4.29
CA PHE A 147 5.05 26.64 -5.59
C PHE A 147 3.85 26.90 -6.52
N TYR A 148 2.63 26.83 -5.98
CA TYR A 148 1.46 27.05 -6.82
C TYR A 148 1.40 28.45 -7.42
N GLN A 149 1.95 29.41 -6.71
CA GLN A 149 2.03 30.77 -7.22
C GLN A 149 2.78 30.79 -8.54
N GLU A 150 3.89 30.05 -8.61
CA GLU A 150 4.64 30.05 -9.86
C GLU A 150 3.84 29.44 -11.01
N LEU A 151 3.03 28.43 -10.72
CA LEU A 151 2.19 27.81 -11.72
C LEU A 151 1.08 28.74 -12.20
N VAL A 152 0.57 29.59 -11.30
CA VAL A 152 -0.41 30.61 -11.63
C VAL A 152 0.25 31.65 -12.54
N GLN A 153 1.43 32.09 -12.17
CA GLN A 153 2.17 33.05 -13.00
C GLN A 153 2.39 32.50 -14.44
N LYS A 154 2.82 31.25 -14.56
CA LYS A 154 3.01 30.57 -15.85
C LYS A 154 1.75 30.45 -16.67
N ALA A 155 0.64 30.11 -16.01
CA ALA A 155 -0.69 30.10 -16.67
C ALA A 155 -1.05 31.47 -17.23
N HIS A 156 -0.84 32.53 -16.44
CA HIS A 156 -1.16 33.91 -16.85
C HIS A 156 -0.40 34.30 -18.12
N ALA A 157 0.83 33.85 -18.25
CA ALA A 157 1.64 34.13 -19.42
C ALA A 157 1.03 33.52 -20.70
N GLN A 158 0.19 32.50 -20.56
CA GLN A 158 -0.49 31.90 -21.70
C GLN A 158 -1.99 32.14 -21.68
N GLU A 159 -2.44 33.07 -20.85
CA GLU A 159 -3.87 33.40 -20.70
C GLU A 159 -4.71 32.17 -20.41
N VAL A 160 -4.20 31.33 -19.53
CA VAL A 160 -4.87 30.10 -19.12
C VAL A 160 -5.55 30.38 -17.77
N LYS A 161 -6.80 29.94 -17.64
CA LYS A 161 -7.61 30.17 -16.45
C LYS A 161 -7.31 29.09 -15.42
N VAL A 162 -6.86 29.52 -14.24
CA VAL A 162 -6.53 28.58 -13.15
C VAL A 162 -7.68 28.43 -12.17
N LEU A 163 -8.04 27.19 -11.89
CA LEU A 163 -8.93 26.84 -10.77
C LEU A 163 -8.08 26.26 -9.64
N LEU A 164 -8.07 26.95 -8.51
CA LEU A 164 -7.12 26.66 -7.43
C LEU A 164 -7.95 26.17 -6.26
N ASP A 165 -7.70 24.94 -5.86
CA ASP A 165 -8.39 24.33 -4.73
C ASP A 165 -7.27 23.82 -3.78
N THR A 166 -6.76 24.71 -2.95
CA THR A 166 -5.75 24.35 -1.94
C THR A 166 -6.08 25.04 -0.60
N SER A 167 -5.35 24.70 0.46
CA SER A 167 -5.57 25.30 1.78
C SER A 167 -4.30 25.74 2.53
N GLY A 168 -4.54 26.54 3.56
CA GLY A 168 -3.51 26.95 4.48
C GLY A 168 -2.55 27.96 3.91
N ASP A 169 -1.26 27.68 4.08
CA ASP A 169 -0.22 28.60 3.59
C ASP A 169 -0.11 28.58 2.07
N SER A 170 -0.34 27.43 1.45
CA SER A 170 -0.19 27.32 0.01
C SER A 170 -1.24 28.16 -0.73
N LEU A 171 -2.39 28.40 -0.11
CA LEU A 171 -3.44 29.26 -0.64
C LEU A 171 -3.16 30.73 -0.32
N ARG A 172 -2.81 30.96 0.95
CA ARG A 172 -2.59 32.31 1.47
C ARG A 172 -1.46 33.02 0.73
N GLN A 173 -0.46 32.30 0.31
CA GLN A 173 0.63 32.92 -0.42
C GLN A 173 0.24 33.34 -1.84
N VAL A 174 -0.71 32.63 -2.43
CA VAL A 174 -1.27 33.05 -3.71
C VAL A 174 -2.11 34.32 -3.54
N LEU A 175 -2.99 34.28 -2.53
CA LEU A 175 -3.91 35.38 -2.21
C LEU A 175 -3.22 36.68 -1.84
N GLN A 176 -2.12 36.59 -1.12
CA GLN A 176 -1.30 37.76 -0.77
C GLN A 176 -0.48 38.35 -1.93
N GLY A 177 -0.25 37.53 -2.97
CA GLY A 177 0.65 37.84 -4.07
C GLY A 177 -0.05 38.34 -5.31
N PRO A 178 0.75 38.65 -6.33
CA PRO A 178 0.22 39.31 -7.51
C PRO A 178 -0.43 38.45 -8.59
N TRP A 179 -0.34 37.13 -8.48
CA TRP A 179 -0.76 36.24 -9.57
C TRP A 179 -2.00 35.54 -9.08
N LYS A 180 -3.15 36.00 -9.58
CA LYS A 180 -4.42 35.59 -9.02
C LYS A 180 -5.03 34.49 -9.88
N PRO A 181 -5.51 33.41 -9.24
CA PRO A 181 -6.27 32.44 -10.01
C PRO A 181 -7.61 33.02 -10.54
N TYR A 182 -8.16 32.35 -11.55
CA TYR A 182 -9.44 32.67 -12.15
C TYR A 182 -10.58 32.33 -11.16
N LEU A 183 -10.40 31.21 -10.46
CA LEU A 183 -11.39 30.66 -9.52
C LEU A 183 -10.69 30.03 -8.31
N ILE A 184 -11.28 30.24 -7.13
CA ILE A 184 -10.89 29.52 -5.91
C ILE A 184 -12.15 28.88 -5.33
N LYS A 185 -11.93 27.83 -4.53
CA LYS A 185 -13.03 27.04 -3.99
C LYS A 185 -12.82 26.65 -2.53
N PRO A 186 -12.61 27.63 -1.62
CA PRO A 186 -12.41 27.26 -0.23
C PRO A 186 -13.73 26.91 0.43
N ASN A 187 -13.75 25.87 1.26
CA ASN A 187 -14.96 25.61 2.03
C ASN A 187 -15.03 26.59 3.19
N LEU A 188 -16.16 26.62 3.90
CA LEU A 188 -16.38 27.60 4.98
C LEU A 188 -15.29 27.60 6.01
N GLU A 189 -14.96 26.40 6.46
CA GLU A 189 -13.93 26.19 7.47
C GLU A 189 -12.58 26.66 6.98
N GLU A 190 -12.28 26.36 5.73
CA GLU A 190 -11.08 26.87 5.08
C GLU A 190 -11.15 28.40 5.06
N LEU A 191 -12.34 28.93 4.78
CA LEU A 191 -12.52 30.39 4.80
C LEU A 191 -12.27 31.00 6.19
N GLU A 192 -12.77 30.33 7.23
CA GLU A 192 -12.55 30.76 8.61
C GLU A 192 -11.09 30.82 9.00
N GLY A 193 -10.34 29.76 8.68
CA GLY A 193 -8.92 29.68 8.93
C GLY A 193 -8.16 30.87 8.38
N LEU A 194 -8.40 31.19 7.11
CA LEU A 194 -7.71 32.31 6.45
C LEU A 194 -7.97 33.65 7.12
N LEU A 195 -9.23 33.87 7.46
CA LEU A 195 -9.70 35.12 7.99
C LEU A 195 -9.47 35.18 9.50
N GLY A 196 -9.61 34.04 10.16
CA GLY A 196 -9.50 33.97 11.61
C GLY A 196 -10.79 34.45 12.25
N GLN A 197 -11.91 34.02 11.67
CA GLN A 197 -13.25 34.30 12.19
C GLN A 197 -13.97 32.97 12.38
N ASP A 198 -15.06 32.99 13.11
CA ASP A 198 -16.00 31.89 13.08
C ASP A 198 -17.25 32.41 12.37
N PHE A 199 -18.03 31.50 11.79
CA PHE A 199 -19.27 31.88 11.16
C PHE A 199 -20.42 31.31 11.94
N SER A 200 -21.50 32.07 12.05
CA SER A 200 -22.66 31.64 12.81
C SER A 200 -23.40 30.56 12.04
N GLU A 201 -24.51 30.10 12.60
CA GLU A 201 -25.55 29.46 11.82
C GLU A 201 -25.93 30.54 10.79
N ASN A 202 -26.34 30.17 9.59
CA ASN A 202 -26.67 31.22 8.58
C ASN A 202 -25.50 32.28 8.39
N PRO A 203 -24.39 31.86 7.76
CA PRO A 203 -23.22 32.69 7.49
C PRO A 203 -23.21 33.61 6.25
N LEU A 204 -24.32 33.73 5.53
CA LEU A 204 -24.33 34.46 4.24
C LEU A 204 -23.83 35.92 4.33
N ALA A 205 -24.41 36.69 5.26
CA ALA A 205 -24.01 38.09 5.46
C ALA A 205 -22.51 38.23 5.76
N ALA A 206 -21.99 37.35 6.59
CA ALA A 206 -20.58 37.37 6.98
C ALA A 206 -19.62 37.00 5.80
N VAL A 207 -20.03 35.99 5.04
CA VAL A 207 -19.31 35.57 3.84
C VAL A 207 -19.28 36.71 2.80
N GLN A 208 -20.44 37.33 2.57
CA GLN A 208 -20.57 38.46 1.66
C GLN A 208 -19.53 39.51 1.98
N THR A 209 -19.44 39.85 3.27
CA THR A 209 -18.51 40.87 3.77
C THR A 209 -17.05 40.45 3.65
N ALA A 210 -16.77 39.21 4.08
CA ALA A 210 -15.44 38.63 3.99
C ALA A 210 -14.85 38.65 2.57
N LEU A 211 -15.67 38.34 1.56
CA LEU A 211 -15.18 38.22 0.18
C LEU A 211 -14.94 39.54 -0.53
N THR A 212 -15.35 40.63 0.10
CA THR A 212 -15.02 41.97 -0.40
C THR A 212 -13.72 42.51 0.18
N LYS A 213 -13.09 41.73 1.06
CA LYS A 213 -11.82 42.09 1.68
C LYS A 213 -10.67 42.00 0.68
N PRO A 214 -9.58 42.77 0.91
CA PRO A 214 -8.42 42.83 0.04
C PRO A 214 -7.85 41.47 -0.40
N MSE A 215 -7.84 40.47 0.47
CA MSE A 215 -7.14 39.25 0.10
C MSE A 215 -7.80 38.47 -1.02
O MSE A 215 -7.15 37.66 -1.64
CB MSE A 215 -6.91 38.36 1.31
CG MSE A 215 -8.07 37.51 1.75
SE MSE A 215 -7.47 36.25 3.13
CE MSE A 215 -5.54 36.02 2.51
N PHE A 216 -9.08 38.75 -1.30
CA PHE A 216 -9.83 38.10 -2.36
C PHE A 216 -9.94 38.92 -3.61
N ALA A 217 -9.26 40.08 -3.62
CA ALA A 217 -9.31 40.97 -4.79
C ALA A 217 -8.62 40.36 -6.02
N GLY A 218 -9.19 40.64 -7.19
CA GLY A 218 -8.64 40.13 -8.44
C GLY A 218 -9.02 38.71 -8.85
N ILE A 219 -9.88 38.06 -8.07
CA ILE A 219 -10.27 36.68 -8.34
C ILE A 219 -11.66 36.72 -8.94
N GLU A 220 -11.78 36.26 -10.19
CA GLU A 220 -13.00 36.42 -10.94
C GLU A 220 -14.16 35.60 -10.35
N TRP A 221 -13.86 34.36 -9.89
CA TRP A 221 -14.84 33.46 -9.27
C TRP A 221 -14.40 32.95 -7.90
N ILE A 222 -15.32 33.03 -6.93
CA ILE A 222 -15.06 32.44 -5.63
C ILE A 222 -16.29 31.57 -5.36
N VAL A 223 -16.03 30.29 -5.10
CA VAL A 223 -17.10 29.34 -4.80
C VAL A 223 -16.89 28.78 -3.37
N ILE A 224 -17.85 29.02 -2.47
CA ILE A 224 -17.74 28.50 -1.12
C ILE A 224 -18.73 27.34 -0.97
N SER A 225 -18.21 26.13 -0.86
CA SER A 225 -19.08 24.97 -0.78
C SER A 225 -19.52 24.81 0.63
N LEU A 226 -20.81 24.44 0.76
CA LEU A 226 -21.43 24.25 2.05
C LEU A 226 -21.88 22.80 2.15
N GLY A 227 -21.23 21.93 1.38
CA GLY A 227 -21.56 20.50 1.36
C GLY A 227 -22.99 20.23 0.99
N LYS A 228 -23.71 19.56 1.88
CA LYS A 228 -25.11 19.25 1.65
C LYS A 228 -25.97 20.49 1.37
N ASP A 229 -25.59 21.63 1.93
CA ASP A 229 -26.37 22.89 1.79
C ASP A 229 -26.08 23.75 0.52
N GLY A 230 -25.32 23.22 -0.42
CA GLY A 230 -25.07 23.88 -1.68
C GLY A 230 -23.84 24.76 -1.61
N ALA A 231 -23.99 26.01 -2.06
CA ALA A 231 -22.85 26.90 -2.18
C ALA A 231 -23.27 28.35 -2.11
N ILE A 232 -22.29 29.17 -1.81
CA ILE A 232 -22.33 30.61 -1.98
C ILE A 232 -21.22 30.91 -2.98
N ALA A 233 -21.47 31.78 -3.94
CA ALA A 233 -20.45 32.10 -4.90
C ALA A 233 -20.43 33.60 -5.17
N LYS A 234 -19.32 34.08 -5.71
CA LYS A 234 -19.15 35.45 -6.10
C LYS A 234 -18.44 35.45 -7.45
N HIS A 235 -19.05 36.12 -8.44
CA HIS A 235 -18.46 36.36 -9.76
C HIS A 235 -18.36 37.88 -9.95
N HIS A 236 -17.14 38.38 -9.93
CA HIS A 236 -16.87 39.83 -9.84
C HIS A 236 -17.69 40.43 -8.73
N ASP A 237 -18.67 41.26 -9.07
CA ASP A 237 -19.51 41.89 -8.04
C ASP A 237 -20.89 41.24 -7.83
N GLN A 238 -21.17 40.16 -8.54
CA GLN A 238 -22.42 39.39 -8.33
C GLN A 238 -22.25 38.23 -7.32
N PHE A 239 -23.01 38.28 -6.21
CA PHE A 239 -23.13 37.16 -5.29
C PHE A 239 -24.29 36.25 -5.68
N TYR A 240 -24.12 34.98 -5.35
CA TYR A 240 -25.04 33.90 -5.67
C TYR A 240 -25.17 32.96 -4.47
N ARG A 241 -26.39 32.49 -4.25
CA ARG A 241 -26.68 31.30 -3.42
C ARG A 241 -27.08 30.18 -4.37
N VAL A 242 -26.46 29.03 -4.22
CA VAL A 242 -26.81 27.87 -5.00
C VAL A 242 -27.45 26.84 -4.08
N LYS A 243 -28.69 26.51 -4.37
CA LYS A 243 -29.45 25.54 -3.55
C LYS A 243 -29.48 24.20 -4.25
N ILE A 244 -29.17 23.13 -3.52
CA ILE A 244 -29.17 21.79 -4.12
C ILE A 244 -30.13 20.79 -3.44
N PRO A 245 -30.62 19.85 -4.24
CA PRO A 245 -31.42 18.74 -3.73
C PRO A 245 -30.69 17.91 -2.64
N THR A 246 -31.45 17.46 -1.64
CA THR A 246 -30.93 16.50 -0.67
C THR A 246 -30.65 15.18 -1.39
N ILE A 247 -29.58 14.50 -0.98
CA ILE A 247 -29.20 13.21 -1.59
C ILE A 247 -28.78 12.16 -0.55
N GLN A 248 -28.83 10.89 -0.94
CA GLN A 248 -28.28 9.81 -0.12
C GLN A 248 -26.80 9.52 -0.47
N ALA A 249 -25.90 10.14 0.29
CA ALA A 249 -24.46 10.05 0.03
C ALA A 249 -23.89 8.68 0.41
N LYS A 250 -23.54 7.87 -0.59
CA LYS A 250 -22.82 6.61 -0.36
C LYS A 250 -21.42 6.86 0.22
N ASN A 251 -20.66 7.77 -0.40
CA ASN A 251 -19.30 8.07 0.02
C ASN A 251 -18.92 9.46 -0.46
N PRO A 252 -18.81 10.43 0.47
CA PRO A 252 -18.62 11.83 0.13
C PRO A 252 -17.19 12.16 -0.30
N VAL A 253 -16.26 11.27 -0.01
CA VAL A 253 -14.83 11.53 -0.17
C VAL A 253 -14.54 12.03 -1.60
N GLY A 254 -13.70 13.05 -1.69
CA GLY A 254 -13.41 13.69 -2.97
C GLY A 254 -14.49 14.53 -3.65
N SER A 255 -15.63 14.76 -3.01
CA SER A 255 -16.75 15.47 -3.70
C SER A 255 -16.41 16.92 -3.99
N GLY A 256 -15.42 17.50 -3.27
CA GLY A 256 -14.87 18.84 -3.58
C GLY A 256 -14.00 18.78 -4.83
N ASP A 257 -13.31 17.65 -5.00
CA ASP A 257 -12.54 17.35 -6.23
C ASP A 257 -13.51 17.20 -7.40
N ALA A 258 -14.65 16.54 -7.18
CA ALA A 258 -15.63 16.39 -8.24
C ALA A 258 -16.23 17.74 -8.63
N THR A 259 -16.44 18.62 -7.64
CA THR A 259 -17.01 19.96 -7.86
C THR A 259 -16.06 20.78 -8.72
N ILE A 260 -14.77 20.72 -8.41
CA ILE A 260 -13.75 21.38 -9.21
C ILE A 260 -13.75 20.85 -10.64
N ALA A 261 -13.89 19.53 -10.82
CA ALA A 261 -14.02 18.92 -12.14
C ALA A 261 -15.24 19.44 -12.93
N GLY A 262 -16.39 19.53 -12.28
CA GLY A 262 -17.60 20.10 -12.87
C GLY A 262 -17.40 21.56 -13.27
N LEU A 263 -16.78 22.34 -12.38
CA LEU A 263 -16.51 23.76 -12.66
C LEU A 263 -15.60 23.86 -13.88
N ALA A 264 -14.52 23.06 -13.90
CA ALA A 264 -13.57 23.07 -15.05
C ALA A 264 -14.23 22.70 -16.36
N TYR A 265 -15.12 21.68 -16.34
CA TYR A 265 -15.86 21.23 -17.51
C TYR A 265 -16.81 22.33 -18.00
N GLY A 266 -17.51 23.00 -17.08
CA GLY A 266 -18.38 24.14 -17.40
C GLY A 266 -17.64 25.31 -18.00
N LEU A 267 -16.47 25.65 -17.44
CA LEU A 267 -15.62 26.67 -18.04
C LEU A 267 -15.17 26.33 -19.44
N ALA A 268 -14.80 25.08 -19.67
CA ALA A 268 -14.27 24.65 -20.95
C ALA A 268 -15.33 24.68 -22.03
N LYS A 269 -16.59 24.57 -21.64
CA LYS A 269 -17.68 24.65 -22.58
C LYS A 269 -18.32 26.03 -22.63
N ASP A 270 -17.65 27.03 -22.01
CA ASP A 270 -18.15 28.42 -21.91
C ASP A 270 -19.54 28.55 -21.33
N ALA A 271 -19.81 27.83 -20.25
CA ALA A 271 -21.12 27.88 -19.65
C ALA A 271 -21.35 29.26 -19.04
N PRO A 272 -22.55 29.83 -19.22
CA PRO A 272 -22.87 31.01 -18.44
C PRO A 272 -22.88 30.71 -16.93
N ALA A 273 -22.87 31.79 -16.15
CA ALA A 273 -22.61 31.73 -14.74
C ALA A 273 -23.46 30.66 -14.06
N ALA A 274 -24.77 30.69 -14.28
CA ALA A 274 -25.68 29.78 -13.56
C ALA A 274 -25.43 28.32 -13.93
N GLU A 275 -25.26 28.04 -15.23
CA GLU A 275 -24.94 26.69 -15.71
C GLU A 275 -23.62 26.20 -15.13
N LEU A 276 -22.62 27.09 -15.05
CA LEU A 276 -21.29 26.75 -14.54
C LEU A 276 -21.34 26.23 -13.12
N LEU A 277 -22.06 26.97 -12.29
CA LEU A 277 -22.28 26.58 -10.91
C LEU A 277 -23.03 25.27 -10.74
N LYS A 278 -24.02 25.04 -11.59
CA LYS A 278 -24.76 23.77 -11.61
C LYS A 278 -23.91 22.56 -11.98
N TRP A 279 -23.06 22.66 -13.00
CA TRP A 279 -22.11 21.59 -13.32
C TRP A 279 -21.23 21.22 -12.15
N GLY A 280 -20.73 22.23 -11.42
CA GLY A 280 -19.91 22.00 -10.22
C GLY A 280 -20.69 21.26 -9.13
N MSE A 281 -21.84 21.78 -8.79
CA MSE A 281 -22.72 21.12 -7.79
C MSE A 281 -23.15 19.72 -8.22
O MSE A 281 -23.09 18.81 -7.41
CB MSE A 281 -23.96 21.97 -7.57
CG MSE A 281 -23.75 23.26 -6.86
SE MSE A 281 -22.90 23.05 -5.11
CE MSE A 281 -21.09 23.34 -5.67
N ALA A 282 -23.57 19.55 -9.46
CA ALA A 282 -24.08 18.26 -9.93
C ALA A 282 -22.99 17.15 -9.97
N ALA A 283 -21.75 17.54 -10.23
CA ALA A 283 -20.65 16.61 -10.23
C ALA A 283 -20.31 16.17 -8.80
N GLY A 284 -20.26 17.14 -7.89
CA GLY A 284 -20.10 16.91 -6.46
C GLY A 284 -21.17 15.94 -5.93
N MSE A 285 -22.42 16.21 -6.25
CA MSE A 285 -23.52 15.33 -5.86
C MSE A 285 -23.35 13.89 -6.44
O MSE A 285 -23.38 12.91 -5.69
CB MSE A 285 -24.84 15.93 -6.32
CG MSE A 285 -25.24 17.24 -5.62
SE MSE A 285 -26.64 18.16 -6.66
CE MSE A 285 -28.22 16.92 -6.26
N ALA A 286 -23.21 13.77 -7.76
CA ALA A 286 -22.99 12.44 -8.40
C ALA A 286 -21.82 11.64 -7.77
N ASN A 287 -20.70 12.31 -7.46
CA ASN A 287 -19.58 11.70 -6.75
C ASN A 287 -19.93 11.14 -5.36
N ALA A 288 -20.73 11.87 -4.60
CA ALA A 288 -21.13 11.45 -3.26
C ALA A 288 -22.02 10.21 -3.32
N GLN A 289 -22.77 10.08 -4.42
CA GLN A 289 -23.61 8.92 -4.69
C GLN A 289 -22.83 7.66 -5.11
N GLU A 290 -21.53 7.77 -5.36
CA GLU A 290 -20.67 6.63 -5.71
C GLU A 290 -19.79 6.22 -4.54
N ARG A 291 -19.59 4.91 -4.40
CA ARG A 291 -18.68 4.34 -3.41
C ARG A 291 -17.24 4.60 -3.81
N MSE A 292 -17.00 4.59 -5.12
CA MSE A 292 -15.68 4.93 -5.65
C MSE A 292 -15.41 6.44 -5.61
O MSE A 292 -16.19 7.26 -6.07
CB MSE A 292 -15.55 4.47 -7.09
CG MSE A 292 -15.47 2.98 -7.26
SE MSE A 292 -15.89 2.45 -9.09
CE MSE A 292 -14.60 3.70 -10.16
N THR A 293 -14.24 6.76 -5.06
CA THR A 293 -13.69 8.09 -5.04
C THR A 293 -13.23 8.51 -6.44
N GLY A 294 -13.57 9.74 -6.85
CA GLY A 294 -13.18 10.25 -8.16
C GLY A 294 -13.90 9.61 -9.34
N HIS A 295 -15.19 9.37 -9.18
CA HIS A 295 -16.00 8.77 -10.22
C HIS A 295 -17.44 9.33 -10.18
N VAL A 296 -18.00 9.56 -11.37
CA VAL A 296 -19.40 9.99 -11.51
C VAL A 296 -20.11 9.30 -12.68
N ASP A 297 -21.38 8.99 -12.46
CA ASP A 297 -22.31 8.61 -13.54
C ASP A 297 -22.83 9.88 -14.21
N VAL A 298 -22.46 10.08 -15.46
CA VAL A 298 -22.77 11.31 -16.15
C VAL A 298 -24.28 11.52 -16.31
N GLU A 299 -25.07 10.46 -16.18
CA GLU A 299 -26.52 10.57 -16.24
C GLU A 299 -27.12 11.03 -14.91
N ASN A 300 -26.54 10.65 -13.78
CA ASN A 300 -26.89 11.28 -12.51
C ASN A 300 -26.63 12.80 -12.60
N VAL A 301 -25.46 13.17 -13.14
CA VAL A 301 -25.02 14.57 -13.20
C VAL A 301 -26.04 15.38 -13.97
N LYS A 302 -26.37 14.93 -15.17
CA LYS A 302 -27.33 15.64 -16.01
C LYS A 302 -28.73 15.76 -15.35
N LYS A 303 -29.15 14.75 -14.59
CA LYS A 303 -30.41 14.85 -13.85
C LYS A 303 -30.34 15.95 -12.79
N HIS A 304 -29.22 16.03 -12.08
CA HIS A 304 -29.05 16.99 -11.00
C HIS A 304 -29.09 18.43 -11.53
N LEU A 305 -28.58 18.64 -12.75
CA LEU A 305 -28.50 19.96 -13.34
C LEU A 305 -29.85 20.65 -13.35
N MSE A 306 -30.91 19.84 -13.51
CA MSE A 306 -32.28 20.34 -13.61
C MSE A 306 -32.94 20.66 -12.28
O MSE A 306 -33.94 21.37 -12.25
CB MSE A 306 -33.12 19.32 -14.33
CG MSE A 306 -32.54 18.94 -15.67
SE MSE A 306 -33.95 18.23 -16.80
CE MSE A 306 -34.60 16.75 -15.64
N ASN A 307 -32.39 20.14 -11.19
CA ASN A 307 -32.94 20.38 -9.86
C ASN A 307 -32.12 21.30 -8.96
N ILE A 308 -31.19 22.07 -9.52
CA ILE A 308 -30.37 23.00 -8.74
C ILE A 308 -30.89 24.43 -8.98
N GLN A 309 -31.07 25.26 -7.95
CA GLN A 309 -31.49 26.66 -8.16
C GLN A 309 -30.33 27.61 -7.93
N VAL A 310 -30.06 28.44 -8.92
CA VAL A 310 -29.10 29.52 -8.79
C VAL A 310 -29.83 30.82 -8.53
N VAL A 311 -29.52 31.40 -7.39
CA VAL A 311 -30.20 32.59 -6.91
C VAL A 311 -29.22 33.78 -6.85
N GLU A 312 -29.43 34.77 -7.69
CA GLU A 312 -28.71 36.05 -7.56
C GLU A 312 -29.09 36.84 -6.29
N ILE A 313 -28.08 37.27 -5.53
CA ILE A 313 -28.26 38.03 -4.31
C ILE A 313 -28.05 39.55 -4.56
N ALA A 314 -28.93 40.36 -3.97
CA ALA A 314 -28.78 41.81 -4.00
C ALA A 314 -27.57 42.26 -3.18
N LYS A 315 -26.91 43.33 -3.60
CA LYS A 315 -25.81 43.89 -2.80
C LYS A 315 -26.35 44.72 -1.63
N GLU A 316 -25.46 45.00 -0.67
CA GLU A 316 -25.38 46.32 0.04
C GLU A 316 -26.60 47.22 0.22
N GLY A 317 -27.17 47.75 -0.88
CA GLY A 317 -28.29 48.71 -0.82
C GLY A 317 -29.45 48.31 -1.71
N SER B 2 26.77 -24.80 -0.40
CA SER B 2 25.80 -25.58 -1.22
C SER B 2 24.48 -24.81 -1.42
N LEU B 3 23.91 -24.95 -2.62
CA LEU B 3 22.87 -24.05 -3.08
C LEU B 3 21.56 -24.36 -2.43
N ILE B 4 20.98 -23.31 -1.85
CA ILE B 4 19.63 -23.31 -1.33
C ILE B 4 18.71 -22.51 -2.25
N VAL B 5 17.59 -23.13 -2.61
CA VAL B 5 16.53 -22.49 -3.36
C VAL B 5 15.39 -22.19 -2.37
N THR B 6 14.92 -20.95 -2.38
CA THR B 6 13.71 -20.60 -1.63
C THR B 6 12.50 -20.44 -2.56
N VAL B 7 11.35 -20.79 -2.03
CA VAL B 7 10.12 -20.69 -2.78
C VAL B 7 9.15 -19.76 -2.05
N THR B 8 8.70 -18.72 -2.76
CA THR B 8 7.71 -17.72 -2.29
C THR B 8 6.61 -17.60 -3.34
N MSE B 9 5.50 -18.29 -3.11
CA MSE B 9 4.43 -18.37 -4.08
C MSE B 9 3.46 -17.19 -3.98
O MSE B 9 2.62 -17.03 -4.84
CB MSE B 9 3.67 -19.70 -3.96
CG MSE B 9 4.48 -20.96 -4.37
SE MSE B 9 5.55 -20.86 -6.01
CE MSE B 9 4.06 -20.55 -7.23
N ASN B 10 3.56 -16.37 -2.93
CA ASN B 10 2.71 -15.19 -2.77
C ASN B 10 3.53 -14.06 -2.12
N PRO B 11 4.58 -13.60 -2.82
CA PRO B 11 5.41 -12.52 -2.29
C PRO B 11 4.65 -11.19 -2.14
N SER B 12 5.15 -10.34 -1.25
CA SER B 12 4.44 -9.15 -0.80
C SER B 12 5.41 -8.00 -0.82
N ILE B 13 4.92 -6.80 -1.18
CA ILE B 13 5.58 -5.58 -0.71
C ILE B 13 5.08 -5.43 0.72
N ASP B 14 6.00 -5.61 1.67
CA ASP B 14 5.68 -5.41 3.10
C ASP B 14 5.78 -3.92 3.45
N ILE B 15 4.63 -3.30 3.71
CA ILE B 15 4.63 -1.89 4.08
C ILE B 15 4.49 -1.79 5.61
N SER B 16 5.42 -1.09 6.24
CA SER B 16 5.35 -0.90 7.68
C SER B 16 5.20 0.58 8.05
N TYR B 17 4.09 0.91 8.71
CA TYR B 17 3.78 2.28 9.19
C TYR B 17 4.00 2.41 10.70
N LEU B 18 4.86 3.35 11.09
CA LEU B 18 4.96 3.74 12.50
C LEU B 18 4.03 4.90 12.80
N LEU B 19 3.12 4.67 13.74
CA LEU B 19 2.13 5.63 14.17
C LEU B 19 2.27 5.86 15.68
N ASP B 20 2.20 7.13 16.10
CA ASP B 20 2.07 7.44 17.52
C ASP B 20 0.83 6.78 18.08
N HIS B 21 -0.31 7.15 17.52
CA HIS B 21 -1.59 6.56 17.87
C HIS B 21 -2.30 6.33 16.54
N LEU B 22 -3.12 5.29 16.47
CA LEU B 22 -3.97 5.04 15.31
C LEU B 22 -5.36 5.61 15.55
N LYS B 23 -5.63 6.79 14.99
CA LYS B 23 -6.94 7.41 15.13
C LYS B 23 -7.90 6.83 14.10
N LEU B 24 -8.90 6.10 14.58
CA LEU B 24 -9.89 5.47 13.70
C LEU B 24 -10.83 6.52 13.11
N ASP B 25 -11.44 6.19 11.98
CA ASP B 25 -12.37 7.10 11.28
C ASP B 25 -11.79 8.50 10.99
N THR B 26 -10.47 8.59 10.89
CA THR B 26 -9.80 9.86 10.58
C THR B 26 -8.47 9.58 9.89
N VAL B 27 -7.86 10.67 9.41
CA VAL B 27 -6.55 10.65 8.77
C VAL B 27 -5.41 10.58 9.79
N ASN B 28 -4.50 9.62 9.56
CA ASN B 28 -3.26 9.46 10.28
C ASN B 28 -2.09 9.73 9.33
N ARG B 29 -1.26 10.72 9.60
CA ARG B 29 -0.11 11.03 8.74
C ARG B 29 1.20 10.50 9.32
N THR B 30 2.10 10.08 8.43
CA THR B 30 3.38 9.55 8.87
C THR B 30 4.40 9.67 7.75
N SER B 31 5.66 9.91 8.13
CA SER B 31 6.79 9.73 7.25
C SER B 31 7.65 8.56 7.74
N GLN B 32 7.14 7.83 8.74
CA GLN B 32 7.81 6.62 9.21
C GLN B 32 7.21 5.42 8.46
N VAL B 33 7.76 5.16 7.29
CA VAL B 33 7.24 4.12 6.37
C VAL B 33 8.38 3.31 5.83
N THR B 34 8.26 1.98 5.84
CA THR B 34 9.23 1.12 5.15
C THR B 34 8.52 0.21 4.16
N LYS B 35 9.15 -0.04 3.02
CA LYS B 35 8.58 -0.94 2.01
C LYS B 35 9.63 -1.93 1.61
N THR B 36 9.38 -3.19 1.91
CA THR B 36 10.39 -4.24 1.83
C THR B 36 9.83 -5.52 1.19
N PRO B 37 10.64 -6.22 0.35
CA PRO B 37 10.22 -7.53 -0.11
C PRO B 37 9.86 -8.46 1.06
N GLY B 38 8.67 -9.04 0.98
CA GLY B 38 8.12 -9.83 2.07
C GLY B 38 7.38 -11.05 1.55
N GLY B 39 6.66 -11.70 2.44
CA GLY B 39 6.25 -13.09 2.25
C GLY B 39 7.32 -13.96 2.90
N LYS B 40 6.91 -15.09 3.49
CA LYS B 40 7.80 -15.93 4.32
C LYS B 40 9.09 -16.36 3.63
N GLY B 41 8.99 -16.81 2.38
CA GLY B 41 10.12 -17.28 1.62
C GLY B 41 11.18 -16.22 1.36
N LEU B 42 10.74 -14.98 1.18
CA LEU B 42 11.68 -13.88 1.04
C LEU B 42 12.29 -13.44 2.38
N ASN B 43 11.53 -13.55 3.47
CA ASN B 43 12.13 -13.39 4.80
C ASN B 43 13.25 -14.41 4.96
N VAL B 44 12.97 -15.67 4.63
CA VAL B 44 13.98 -16.73 4.68
C VAL B 44 15.21 -16.40 3.83
N THR B 45 14.95 -15.95 2.60
CA THR B 45 16.02 -15.67 1.61
C THR B 45 17.00 -14.64 2.16
N ARG B 46 16.45 -13.57 2.72
CA ARG B 46 17.24 -12.47 3.25
C ARG B 46 18.11 -12.91 4.42
N VAL B 47 17.53 -13.72 5.31
CA VAL B 47 18.31 -14.23 6.43
C VAL B 47 19.43 -15.16 5.95
N ILE B 48 19.14 -16.07 5.03
CA ILE B 48 20.20 -16.96 4.53
C ILE B 48 21.30 -16.10 3.90
N HIS B 49 20.89 -15.12 3.12
CA HIS B 49 21.84 -14.22 2.47
C HIS B 49 22.68 -13.53 3.54
N ASP B 50 22.04 -12.98 4.57
CA ASP B 50 22.75 -12.33 5.68
C ASP B 50 23.78 -13.25 6.39
N LEU B 51 23.50 -14.56 6.41
CA LEU B 51 24.35 -15.54 7.08
C LEU B 51 25.58 -15.91 6.25
N GLY B 52 25.52 -15.63 4.96
CA GLY B 52 26.64 -15.93 4.07
C GLY B 52 26.41 -17.16 3.24
N GLY B 53 25.16 -17.63 3.27
CA GLY B 53 24.75 -18.78 2.49
C GLY B 53 24.54 -18.49 1.02
N ASP B 54 24.52 -19.57 0.25
CA ASP B 54 24.37 -19.54 -1.21
C ASP B 54 22.90 -19.81 -1.51
N VAL B 55 22.17 -18.75 -1.82
CA VAL B 55 20.72 -18.83 -1.99
C VAL B 55 20.27 -18.27 -3.36
N ILE B 56 19.18 -18.81 -3.88
CA ILE B 56 18.44 -18.18 -4.97
C ILE B 56 16.94 -18.23 -4.70
N ALA B 57 16.30 -17.09 -4.84
CA ALA B 57 14.86 -16.97 -4.57
C ALA B 57 14.02 -17.19 -5.83
N THR B 58 12.97 -18.01 -5.71
CA THR B 58 12.02 -18.17 -6.77
C THR B 58 10.58 -18.09 -6.27
N GLY B 59 9.64 -18.10 -7.20
CA GLY B 59 8.23 -17.95 -6.91
C GLY B 59 7.62 -17.24 -8.11
N VAL B 60 6.61 -16.41 -7.88
CA VAL B 60 5.98 -15.67 -8.95
C VAL B 60 5.94 -14.18 -8.59
N LEU B 61 6.25 -13.36 -9.59
CA LEU B 61 6.17 -11.91 -9.46
C LEU B 61 5.44 -11.33 -10.64
N GLY B 62 4.51 -10.41 -10.35
CA GLY B 62 3.68 -9.79 -11.36
C GLY B 62 3.63 -8.29 -11.30
N GLY B 63 3.63 -7.68 -12.48
CA GLY B 63 3.37 -6.25 -12.62
C GLY B 63 4.42 -5.33 -12.06
N PHE B 64 4.02 -4.11 -11.74
CA PHE B 64 4.95 -3.08 -11.25
C PHE B 64 5.36 -3.34 -9.80
N HIS B 65 4.41 -3.85 -9.00
CA HIS B 65 4.69 -4.28 -7.64
C HIS B 65 5.76 -5.37 -7.62
N GLY B 66 5.63 -6.36 -8.52
CA GLY B 66 6.65 -7.42 -8.65
C GLY B 66 7.98 -6.89 -9.11
N ALA B 67 7.95 -5.94 -10.03
CA ALA B 67 9.15 -5.29 -10.52
C ALA B 67 9.87 -4.52 -9.41
N PHE B 68 9.12 -3.87 -8.52
CA PHE B 68 9.68 -3.19 -7.36
C PHE B 68 10.47 -4.18 -6.51
N ILE B 69 9.86 -5.31 -6.17
CA ILE B 69 10.50 -6.39 -5.41
C ILE B 69 11.77 -6.89 -6.08
N ALA B 70 11.69 -7.19 -7.38
CA ALA B 70 12.86 -7.70 -8.13
C ALA B 70 14.02 -6.72 -8.09
N ASN B 71 13.69 -5.44 -8.18
CA ASN B 71 14.70 -4.38 -8.13
C ASN B 71 15.30 -4.25 -6.74
N GLU B 72 14.47 -4.39 -5.70
CA GLU B 72 14.96 -4.36 -4.30
C GLU B 72 15.94 -5.52 -4.06
N LEU B 73 15.57 -6.71 -4.51
CA LEU B 73 16.45 -7.87 -4.44
C LEU B 73 17.75 -7.65 -5.20
N LYS B 74 17.67 -7.02 -6.35
CA LYS B 74 18.89 -6.70 -7.12
C LYS B 74 19.81 -5.74 -6.37
N LYS B 75 19.24 -4.72 -5.74
CA LYS B 75 20.04 -3.76 -5.04
C LYS B 75 20.71 -4.46 -3.85
N ALA B 76 20.02 -5.42 -3.26
CA ALA B 76 20.59 -6.14 -2.14
C ALA B 76 21.56 -7.23 -2.57
N ASN B 77 21.67 -7.45 -3.87
CA ASN B 77 22.50 -8.52 -4.45
C ASN B 77 22.05 -9.88 -3.98
N ILE B 78 20.73 -10.04 -3.94
CA ILE B 78 20.14 -11.36 -3.69
C ILE B 78 19.79 -12.02 -5.03
N PRO B 79 20.44 -13.14 -5.36
CA PRO B 79 20.15 -13.88 -6.59
C PRO B 79 18.69 -14.29 -6.63
N GLN B 80 18.09 -14.18 -7.80
CA GLN B 80 16.65 -14.39 -7.89
C GLN B 80 16.40 -15.02 -9.21
N ALA B 81 15.33 -15.80 -9.27
CA ALA B 81 14.87 -16.40 -10.49
C ALA B 81 13.37 -16.65 -10.41
N PHE B 82 12.64 -15.57 -10.14
CA PHE B 82 11.19 -15.61 -10.16
C PHE B 82 10.60 -15.79 -11.58
N THR B 83 9.41 -16.38 -11.61
CA THR B 83 8.62 -16.49 -12.82
C THR B 83 7.63 -15.32 -12.89
N SER B 84 7.43 -14.77 -14.08
CA SER B 84 6.49 -13.67 -14.30
C SER B 84 5.07 -14.15 -14.40
N ILE B 85 4.20 -13.35 -13.81
CA ILE B 85 2.79 -13.50 -14.00
C ILE B 85 2.25 -12.13 -14.41
N LYS B 86 1.01 -12.12 -14.87
CA LYS B 86 0.38 -10.91 -15.38
C LYS B 86 -0.20 -10.08 -14.25
N GLU B 87 -0.98 -10.70 -13.38
CA GLU B 87 -1.59 -9.98 -12.28
C GLU B 87 -0.55 -9.40 -11.30
N GLU B 88 -0.94 -8.33 -10.61
CA GLU B 88 -0.03 -7.59 -9.70
C GLU B 88 0.30 -8.33 -8.43
N THR B 89 1.58 -8.36 -8.08
CA THR B 89 2.01 -8.85 -6.78
C THR B 89 1.35 -7.99 -5.69
N ARG B 90 1.08 -8.59 -4.54
CA ARG B 90 0.32 -7.94 -3.49
C ARG B 90 1.14 -7.02 -2.58
N ASP B 91 0.42 -6.18 -1.82
CA ASP B 91 0.97 -5.40 -0.71
C ASP B 91 0.55 -6.07 0.59
N SER B 92 1.36 -5.96 1.64
CA SER B 92 0.92 -6.25 3.00
C SER B 92 1.16 -5.02 3.87
N ILE B 93 0.19 -4.68 4.69
CA ILE B 93 0.21 -3.52 5.55
C ILE B 93 0.41 -4.00 6.98
N ALA B 94 1.39 -3.43 7.66
CA ALA B 94 1.56 -3.57 9.12
C ALA B 94 1.56 -2.19 9.76
N ILE B 95 0.63 -1.98 10.69
CA ILE B 95 0.54 -0.73 11.44
C ILE B 95 1.04 -0.96 12.87
N LEU B 96 2.05 -0.16 13.25
CA LEU B 96 2.66 -0.23 14.57
C LEU B 96 2.28 1.01 15.36
N HIS B 97 1.57 0.80 16.48
CA HIS B 97 1.00 1.90 17.24
C HIS B 97 0.73 1.48 18.70
N GLU B 98 1.50 2.04 19.65
CA GLU B 98 1.27 1.83 21.11
C GLU B 98 1.49 0.37 21.52
N GLY B 99 2.53 -0.27 20.98
CA GLY B 99 2.78 -1.69 21.20
C GLY B 99 1.92 -2.66 20.36
N ASN B 100 0.95 -2.13 19.61
CA ASN B 100 0.07 -2.96 18.79
C ASN B 100 0.69 -3.20 17.42
N GLN B 101 0.37 -4.36 16.83
CA GLN B 101 0.69 -4.64 15.43
C GLN B 101 -0.56 -5.06 14.68
N THR B 102 -1.23 -4.09 14.05
CA THR B 102 -2.41 -4.33 13.23
C THR B 102 -1.99 -4.55 11.77
N GLU B 103 -2.47 -5.66 11.18
CA GLU B 103 -2.02 -6.05 9.85
C GLU B 103 -3.15 -6.24 8.90
N ILE B 104 -2.90 -5.96 7.62
CA ILE B 104 -3.84 -6.28 6.56
C ILE B 104 -3.13 -7.10 5.50
N LEU B 105 -3.62 -8.32 5.29
CA LEU B 105 -3.13 -9.18 4.25
C LEU B 105 -4.12 -9.25 3.09
N GLU B 106 -3.59 -9.16 1.88
CA GLU B 106 -4.37 -9.27 0.64
C GLU B 106 -4.30 -10.73 0.17
N ALA B 107 -5.36 -11.21 -0.48
CA ALA B 107 -5.35 -12.55 -1.05
C ALA B 107 -4.29 -12.68 -2.11
N GLY B 108 -4.01 -11.60 -2.85
CA GLY B 108 -2.97 -11.61 -3.87
C GLY B 108 -3.46 -11.92 -5.27
N PRO B 109 -2.52 -11.99 -6.22
CA PRO B 109 -2.88 -12.21 -7.62
C PRO B 109 -3.35 -13.66 -7.94
N THR B 110 -4.04 -13.78 -9.05
CA THR B 110 -4.39 -15.08 -9.59
C THR B 110 -3.33 -15.46 -10.63
N VAL B 111 -2.77 -16.67 -10.46
CA VAL B 111 -1.83 -17.27 -11.39
C VAL B 111 -2.61 -18.20 -12.35
N SER B 112 -2.39 -18.02 -13.65
CA SER B 112 -3.01 -18.87 -14.68
C SER B 112 -2.34 -20.25 -14.80
N PRO B 113 -3.09 -21.27 -15.31
CA PRO B 113 -2.52 -22.60 -15.52
C PRO B 113 -1.24 -22.57 -16.34
N GLU B 114 -1.20 -21.70 -17.32
CA GLU B 114 -0.01 -21.57 -18.15
C GLU B 114 1.17 -20.97 -17.34
N GLU B 115 0.89 -20.00 -16.50
CA GLU B 115 1.92 -19.42 -15.61
C GLU B 115 2.43 -20.46 -14.60
N ILE B 116 1.52 -21.31 -14.13
CA ILE B 116 1.87 -22.40 -13.23
C ILE B 116 2.80 -23.37 -13.94
N SER B 117 2.47 -23.70 -15.19
CA SER B 117 3.35 -24.52 -16.00
C SER B 117 4.73 -23.87 -16.21
N ASN B 118 4.76 -22.56 -16.45
CA ASN B 118 6.03 -21.83 -16.62
C ASN B 118 6.88 -21.87 -15.36
N PHE B 119 6.26 -21.64 -14.21
CA PHE B 119 6.94 -21.73 -12.92
C PHE B 119 7.55 -23.11 -12.67
N LEU B 120 6.79 -24.16 -12.95
CA LEU B 120 7.24 -25.53 -12.72
C LEU B 120 8.43 -25.89 -13.59
N GLU B 121 8.41 -25.49 -14.85
CA GLU B 121 9.61 -25.65 -15.71
C GLU B 121 10.82 -24.98 -15.10
N ASN B 122 10.65 -23.73 -14.67
CA ASN B 122 11.72 -22.96 -14.01
C ASN B 122 12.16 -23.67 -12.72
N PHE B 123 11.19 -24.11 -11.92
CA PHE B 123 11.49 -24.86 -10.68
C PHE B 123 12.36 -26.09 -10.96
N ASP B 124 12.00 -26.89 -11.97
CA ASP B 124 12.78 -28.05 -12.45
C ASP B 124 14.23 -27.77 -12.72
N GLN B 125 14.51 -26.72 -13.50
CA GLN B 125 15.88 -26.29 -13.79
C GLN B 125 16.65 -25.87 -12.54
N LEU B 126 16.03 -25.04 -11.70
CA LEU B 126 16.73 -24.52 -10.52
C LEU B 126 17.09 -25.65 -9.57
N ILE B 127 16.15 -26.55 -9.31
CA ILE B 127 16.45 -27.65 -8.36
C ILE B 127 17.46 -28.70 -8.84
N LYS B 128 17.83 -28.70 -10.13
CA LYS B 128 18.89 -29.58 -10.62
C LYS B 128 20.22 -29.20 -10.00
N GLN B 129 20.41 -27.92 -9.69
CA GLN B 129 21.70 -27.44 -9.17
C GLN B 129 21.69 -27.27 -7.61
N ALA B 130 20.53 -27.42 -6.99
CA ALA B 130 20.35 -27.17 -5.56
C ALA B 130 20.62 -28.41 -4.70
N GLU B 131 21.03 -28.17 -3.45
CA GLU B 131 21.06 -29.22 -2.43
C GLU B 131 19.83 -29.17 -1.51
N ILE B 132 19.28 -27.98 -1.31
CA ILE B 132 18.22 -27.74 -0.33
C ILE B 132 17.16 -26.82 -0.96
N VAL B 133 15.91 -27.08 -0.64
CA VAL B 133 14.82 -26.18 -1.00
C VAL B 133 13.98 -25.86 0.25
N THR B 134 13.67 -24.57 0.42
CA THR B 134 12.71 -24.15 1.43
C THR B 134 11.37 -23.86 0.77
N ILE B 135 10.31 -24.34 1.38
CA ILE B 135 8.98 -24.11 0.95
C ILE B 135 8.13 -23.64 2.16
N SER B 136 7.61 -22.42 2.07
CA SER B 136 6.80 -21.82 3.14
C SER B 136 5.92 -20.73 2.57
N GLY B 137 4.89 -20.40 3.36
CA GLY B 137 4.08 -19.23 3.10
C GLY B 137 2.79 -19.56 2.40
N SER B 138 2.05 -18.53 2.03
CA SER B 138 0.76 -18.73 1.39
C SER B 138 0.92 -18.91 -0.12
N LEU B 139 -0.06 -19.60 -0.68
CA LEU B 139 -0.19 -19.81 -2.11
C LEU B 139 -0.99 -18.67 -2.72
N ALA B 140 -0.52 -18.12 -3.83
CA ALA B 140 -1.32 -17.22 -4.61
C ALA B 140 -2.59 -17.93 -5.13
N LYS B 141 -3.58 -17.15 -5.48
CA LYS B 141 -4.80 -17.65 -6.07
C LYS B 141 -4.54 -18.26 -7.44
N GLY B 142 -5.32 -19.29 -7.78
CA GLY B 142 -5.09 -20.08 -8.97
C GLY B 142 -4.32 -21.34 -8.68
N LEU B 143 -3.45 -21.30 -7.67
CA LEU B 143 -2.67 -22.47 -7.34
C LEU B 143 -3.55 -23.48 -6.63
N PRO B 144 -3.41 -24.76 -7.00
CA PRO B 144 -4.24 -25.77 -6.36
C PRO B 144 -3.81 -25.93 -4.90
N SER B 145 -4.79 -26.15 -4.02
CA SER B 145 -4.55 -26.22 -2.59
C SER B 145 -3.44 -27.21 -2.19
N ASP B 146 -3.07 -28.14 -3.09
CA ASP B 146 -2.00 -29.14 -2.86
C ASP B 146 -0.74 -28.82 -3.66
N PHE B 147 -0.58 -27.55 -4.03
CA PHE B 147 0.55 -27.20 -4.90
C PHE B 147 1.89 -27.66 -4.31
N TYR B 148 2.07 -27.51 -3.00
CA TYR B 148 3.37 -27.79 -2.39
C TYR B 148 3.82 -29.25 -2.51
N GLN B 149 2.86 -30.18 -2.54
CA GLN B 149 3.19 -31.59 -2.75
C GLN B 149 3.83 -31.89 -4.11
N GLU B 150 3.38 -31.25 -5.17
CA GLU B 150 4.09 -31.35 -6.45
C GLU B 150 5.54 -30.91 -6.31
N LEU B 151 5.77 -29.81 -5.59
CA LEU B 151 7.12 -29.33 -5.33
C LEU B 151 7.94 -30.35 -4.51
N VAL B 152 7.35 -30.93 -3.46
CA VAL B 152 8.06 -31.99 -2.69
C VAL B 152 8.44 -33.22 -3.57
N GLN B 153 7.52 -33.65 -4.42
CA GLN B 153 7.77 -34.80 -5.32
C GLN B 153 8.92 -34.55 -6.28
N LYS B 154 8.95 -33.35 -6.87
CA LYS B 154 10.04 -32.96 -7.78
C LYS B 154 11.39 -32.90 -7.08
N ALA B 155 11.44 -32.34 -5.87
CA ALA B 155 12.70 -32.28 -5.12
C ALA B 155 13.22 -33.69 -4.76
N HIS B 156 12.27 -34.56 -4.47
CA HIS B 156 12.56 -35.95 -4.14
C HIS B 156 13.25 -36.63 -5.31
N ALA B 157 12.68 -36.52 -6.50
CA ALA B 157 13.28 -37.06 -7.74
C ALA B 157 14.69 -36.55 -7.95
N GLN B 158 14.94 -35.28 -7.58
CA GLN B 158 16.30 -34.71 -7.69
C GLN B 158 17.16 -34.86 -6.45
N GLU B 159 16.65 -35.58 -5.44
CA GLU B 159 17.39 -35.81 -4.17
C GLU B 159 17.77 -34.50 -3.48
N VAL B 160 16.80 -33.60 -3.38
CA VAL B 160 17.01 -32.28 -2.78
C VAL B 160 16.22 -32.29 -1.47
N LYS B 161 16.86 -31.89 -0.39
CA LYS B 161 16.20 -31.86 0.92
C LYS B 161 15.25 -30.71 1.03
N VAL B 162 14.00 -31.04 1.30
CA VAL B 162 12.95 -30.04 1.46
C VAL B 162 12.78 -29.66 2.95
N LEU B 163 12.93 -28.37 3.23
CA LEU B 163 12.48 -27.80 4.52
C LEU B 163 11.10 -27.22 4.30
N LEU B 164 10.09 -27.83 4.92
CA LEU B 164 8.71 -27.47 4.68
C LEU B 164 8.15 -26.80 5.94
N ASP B 165 7.85 -25.50 5.81
CA ASP B 165 7.32 -24.67 6.92
C ASP B 165 5.96 -24.12 6.49
N THR B 166 4.96 -24.95 6.73
CA THR B 166 3.66 -24.76 6.12
C THR B 166 2.65 -25.31 7.14
N SER B 167 1.35 -25.10 6.95
CA SER B 167 0.37 -25.51 7.97
C SER B 167 -0.97 -26.02 7.47
N GLY B 168 -1.67 -26.65 8.41
CA GLY B 168 -3.08 -26.99 8.27
C GLY B 168 -3.39 -28.27 7.52
N ASP B 169 -4.67 -28.37 7.10
CA ASP B 169 -5.14 -29.39 6.17
C ASP B 169 -4.10 -29.75 5.11
N SER B 170 -3.51 -28.74 4.47
CA SER B 170 -2.53 -28.95 3.40
C SER B 170 -1.25 -29.67 3.86
N LEU B 171 -0.56 -29.12 4.86
CA LEU B 171 0.61 -29.80 5.43
C LEU B 171 0.25 -31.25 5.74
N ARG B 172 -0.94 -31.47 6.30
CA ARG B 172 -1.42 -32.81 6.60
C ARG B 172 -1.38 -33.72 5.36
N GLN B 173 -1.66 -33.15 4.19
CA GLN B 173 -1.74 -33.94 2.95
C GLN B 173 -0.39 -34.28 2.42
N VAL B 174 0.60 -33.40 2.58
CA VAL B 174 1.98 -33.78 2.33
C VAL B 174 2.36 -34.94 3.27
N LEU B 175 2.11 -34.78 4.57
CA LEU B 175 2.50 -35.82 5.56
C LEU B 175 1.80 -37.17 5.33
N GLN B 176 0.57 -37.12 4.82
CA GLN B 176 -0.19 -38.29 4.38
C GLN B 176 0.40 -39.05 3.18
N GLY B 177 1.11 -38.33 2.31
CA GLY B 177 1.73 -38.89 1.12
C GLY B 177 3.11 -39.54 1.27
N PRO B 178 3.60 -40.20 0.21
CA PRO B 178 4.81 -40.99 0.32
C PRO B 178 6.13 -40.24 0.19
N TRP B 179 6.05 -38.98 -0.27
CA TRP B 179 7.21 -38.11 -0.44
C TRP B 179 7.31 -37.17 0.75
N LYS B 180 8.24 -37.53 1.63
CA LYS B 180 8.40 -36.85 2.88
C LYS B 180 9.34 -35.68 2.75
N PRO B 181 8.99 -34.55 3.36
CA PRO B 181 10.01 -33.51 3.52
C PRO B 181 11.16 -34.01 4.40
N TYR B 182 12.34 -33.49 4.18
CA TYR B 182 13.48 -33.76 5.04
C TYR B 182 13.29 -33.18 6.45
N LEU B 183 12.78 -31.95 6.52
CA LEU B 183 12.53 -31.24 7.79
C LEU B 183 11.21 -30.52 7.77
N ILE B 184 10.49 -30.63 8.89
CA ILE B 184 9.33 -29.78 9.19
C ILE B 184 9.51 -28.99 10.50
N LYS B 185 8.79 -27.88 10.62
CA LYS B 185 8.96 -26.95 11.74
C LYS B 185 7.63 -26.34 12.18
N PRO B 186 6.65 -27.20 12.50
CA PRO B 186 5.40 -26.68 13.02
C PRO B 186 5.54 -26.08 14.43
N ASN B 187 4.84 -24.97 14.68
CA ASN B 187 4.79 -24.44 16.03
C ASN B 187 3.74 -25.24 16.80
N LEU B 188 3.53 -24.90 18.05
CA LEU B 188 2.68 -25.71 18.94
C LEU B 188 1.22 -25.72 18.50
N GLU B 189 0.73 -24.56 18.10
CA GLU B 189 -0.65 -24.39 17.65
C GLU B 189 -0.87 -25.15 16.35
N GLU B 190 0.14 -25.12 15.51
CA GLU B 190 0.16 -25.88 14.26
C GLU B 190 -0.01 -27.37 14.55
N LEU B 191 0.80 -27.85 15.49
CA LEU B 191 0.80 -29.24 15.91
C LEU B 191 -0.53 -29.66 16.56
N GLU B 192 -1.07 -28.80 17.40
CA GLU B 192 -2.44 -28.99 17.95
C GLU B 192 -3.50 -29.12 16.84
N GLY B 193 -3.39 -28.28 15.81
CA GLY B 193 -4.25 -28.36 14.64
C GLY B 193 -4.11 -29.67 13.88
N LEU B 194 -2.88 -30.13 13.66
CA LEU B 194 -2.66 -31.38 12.91
C LEU B 194 -3.30 -32.57 13.58
N LEU B 195 -3.13 -32.65 14.89
CA LEU B 195 -3.50 -33.85 15.62
C LEU B 195 -4.89 -33.75 16.22
N GLY B 196 -5.51 -32.57 16.15
CA GLY B 196 -6.79 -32.31 16.79
C GLY B 196 -6.65 -32.57 18.26
N GLN B 197 -5.68 -31.88 18.86
CA GLN B 197 -5.24 -32.15 20.22
C GLN B 197 -4.95 -30.83 20.96
N ASP B 198 -5.12 -30.85 22.28
CA ASP B 198 -4.85 -29.69 23.12
C ASP B 198 -3.56 -29.92 23.90
N PHE B 199 -2.56 -29.02 23.73
CA PHE B 199 -1.25 -29.14 24.42
C PHE B 199 -0.96 -28.01 25.42
N SER B 200 -1.99 -27.37 25.98
CA SER B 200 -1.79 -26.19 26.83
C SER B 200 -1.14 -26.54 28.19
N GLU B 201 -1.42 -27.74 28.66
CA GLU B 201 -0.91 -28.24 29.92
C GLU B 201 0.30 -29.14 29.66
N ASN B 202 1.44 -28.76 30.22
CA ASN B 202 2.67 -29.53 30.11
C ASN B 202 3.00 -29.83 28.65
N PRO B 203 3.08 -28.76 27.85
CA PRO B 203 3.33 -28.83 26.41
C PRO B 203 4.57 -29.65 26.04
N LEU B 204 5.68 -29.51 26.79
CA LEU B 204 6.91 -30.22 26.43
C LEU B 204 6.70 -31.72 26.39
N ALA B 205 6.07 -32.27 27.41
CA ALA B 205 5.83 -33.71 27.47
C ALA B 205 4.83 -34.13 26.38
N ALA B 206 3.84 -33.28 26.13
CA ALA B 206 2.83 -33.57 25.10
C ALA B 206 3.48 -33.69 23.70
N VAL B 207 4.35 -32.74 23.37
CA VAL B 207 5.00 -32.67 22.05
C VAL B 207 5.83 -33.94 21.81
N GLN B 208 6.58 -34.38 22.82
CA GLN B 208 7.36 -35.62 22.71
C GLN B 208 6.49 -36.83 22.39
N THR B 209 5.30 -36.92 22.98
CA THR B 209 4.37 -38.01 22.61
C THR B 209 3.83 -37.83 21.19
N ALA B 210 3.38 -36.64 20.88
CA ALA B 210 2.87 -36.29 19.53
C ALA B 210 3.81 -36.72 18.40
N LEU B 211 5.11 -36.48 18.55
CA LEU B 211 6.04 -36.70 17.45
C LEU B 211 6.33 -38.16 17.15
N THR B 212 5.85 -39.05 18.02
CA THR B 212 5.92 -40.51 17.79
C THR B 212 4.78 -41.07 16.93
N LYS B 213 3.79 -40.24 16.63
CA LYS B 213 2.60 -40.64 15.88
C LYS B 213 2.87 -40.90 14.39
N PRO B 214 2.08 -41.80 13.77
CA PRO B 214 2.30 -42.22 12.37
C PRO B 214 2.38 -41.05 11.40
N MSE B 215 1.65 -39.99 11.69
CA MSE B 215 1.69 -38.72 10.98
C MSE B 215 3.08 -38.31 10.54
O MSE B 215 3.28 -37.77 9.46
CB MSE B 215 1.29 -37.62 11.97
CG MSE B 215 -0.12 -37.23 12.05
SE MSE B 215 -0.24 -35.46 11.35
CE MSE B 215 -0.20 -36.08 9.43
N PHE B 216 4.02 -38.48 11.46
CA PHE B 216 5.36 -37.95 11.35
C PHE B 216 6.43 -38.95 10.96
N ALA B 217 6.01 -40.19 10.65
CA ALA B 217 6.91 -41.24 10.17
C ALA B 217 7.63 -40.83 8.92
N GLY B 218 8.91 -41.15 8.84
CA GLY B 218 9.69 -40.96 7.64
C GLY B 218 10.25 -39.56 7.44
N ILE B 219 10.02 -38.67 8.39
CA ILE B 219 10.56 -37.28 8.34
C ILE B 219 11.83 -37.22 9.16
N GLU B 220 12.94 -36.87 8.52
CA GLU B 220 14.20 -36.99 9.19
C GLU B 220 14.35 -36.06 10.38
N TRP B 221 13.94 -34.81 10.20
CA TRP B 221 14.00 -33.77 11.23
C TRP B 221 12.63 -33.14 11.49
N ILE B 222 12.26 -33.06 12.75
CA ILE B 222 11.13 -32.29 13.18
C ILE B 222 11.64 -31.30 14.22
N VAL B 223 11.42 -30.01 13.99
CA VAL B 223 11.84 -28.97 14.96
C VAL B 223 10.61 -28.19 15.38
N ILE B 224 10.29 -28.23 16.66
CA ILE B 224 9.15 -27.49 17.23
C ILE B 224 9.70 -26.32 18.08
N SER B 225 9.53 -25.08 17.60
CA SER B 225 9.95 -23.91 18.36
C SER B 225 8.93 -23.64 19.45
N LEU B 226 9.41 -23.23 20.62
CA LEU B 226 8.56 -22.98 21.77
C LEU B 226 8.80 -21.56 22.30
N GLY B 227 9.18 -20.64 21.43
CA GLY B 227 9.44 -19.27 21.86
C GLY B 227 10.63 -19.20 22.79
N LYS B 228 10.38 -18.79 24.03
CA LYS B 228 11.41 -18.54 25.04
C LYS B 228 11.87 -19.85 25.66
N ASP B 229 11.03 -20.88 25.59
CA ASP B 229 11.45 -22.19 26.04
C ASP B 229 12.39 -22.90 25.05
N GLY B 230 12.70 -22.29 23.91
CA GLY B 230 13.65 -22.84 22.94
C GLY B 230 12.94 -23.78 21.97
N ALA B 231 13.37 -25.05 21.94
CA ALA B 231 12.79 -26.02 21.02
C ALA B 231 12.81 -27.45 21.55
N ILE B 232 11.93 -28.26 20.98
CA ILE B 232 12.01 -29.72 21.05
C ILE B 232 12.18 -30.19 19.61
N ALA B 233 13.10 -31.10 19.40
CA ALA B 233 13.36 -31.61 18.08
C ALA B 233 13.50 -33.14 18.11
N LYS B 234 13.28 -33.76 16.94
CA LYS B 234 13.46 -35.19 16.73
C LYS B 234 14.22 -35.39 15.44
N HIS B 235 15.33 -36.12 15.52
CA HIS B 235 16.12 -36.59 14.36
C HIS B 235 16.12 -38.12 14.36
N HIS B 236 15.44 -38.73 13.39
CA HIS B 236 15.20 -40.18 13.39
C HIS B 236 14.57 -40.53 14.73
N ASP B 237 15.20 -41.35 15.57
CA ASP B 237 14.60 -41.71 16.87
C ASP B 237 15.13 -40.88 18.06
N GLN B 238 16.05 -39.95 17.84
CA GLN B 238 16.60 -39.12 18.94
C GLN B 238 15.81 -37.84 19.17
N PHE B 239 15.28 -37.68 20.37
CA PHE B 239 14.68 -36.44 20.80
C PHE B 239 15.72 -35.51 21.41
N TYR B 240 15.58 -34.22 21.12
CA TYR B 240 16.39 -33.16 21.72
C TYR B 240 15.56 -32.10 22.37
N ARG B 241 16.09 -31.55 23.44
CA ARG B 241 15.61 -30.33 24.00
C ARG B 241 16.66 -29.24 23.70
N VAL B 242 16.24 -28.09 23.20
CA VAL B 242 17.15 -26.98 22.88
C VAL B 242 16.75 -25.83 23.77
N LYS B 243 17.70 -25.41 24.61
CA LYS B 243 17.53 -24.41 25.64
C LYS B 243 18.32 -23.15 25.21
N ILE B 244 17.67 -21.99 25.22
CA ILE B 244 18.25 -20.74 24.71
C ILE B 244 18.25 -19.70 25.83
N PRO B 245 19.15 -18.69 25.76
CA PRO B 245 19.11 -17.60 26.74
C PRO B 245 17.80 -16.82 26.69
N THR B 246 17.36 -16.27 27.83
CA THR B 246 16.15 -15.44 27.85
C THR B 246 16.49 -13.99 27.56
N ILE B 247 16.39 -13.62 26.28
CA ILE B 247 16.95 -12.36 25.75
C ILE B 247 15.88 -11.30 25.57
N GLN B 248 16.35 -10.06 25.46
CA GLN B 248 15.46 -8.92 25.21
C GLN B 248 15.10 -8.90 23.72
N ALA B 249 13.83 -9.20 23.43
CA ALA B 249 13.38 -9.60 22.08
C ALA B 249 12.37 -8.63 21.46
N LYS B 250 12.90 -7.51 20.93
CA LYS B 250 12.13 -6.44 20.27
C LYS B 250 11.01 -6.93 19.34
N ASN B 251 11.34 -7.18 18.06
CA ASN B 251 10.35 -7.60 17.05
C ASN B 251 10.44 -9.10 16.74
N PRO B 252 9.50 -9.91 17.28
CA PRO B 252 9.44 -11.35 16.99
C PRO B 252 8.90 -11.74 15.58
N VAL B 253 8.29 -10.80 14.85
CA VAL B 253 7.68 -11.14 13.56
C VAL B 253 8.73 -11.77 12.62
N GLY B 254 8.43 -12.99 12.19
CA GLY B 254 9.31 -13.76 11.30
C GLY B 254 10.55 -14.42 11.90
N SER B 255 10.70 -14.39 13.22
CA SER B 255 11.75 -15.21 13.87
C SER B 255 11.66 -16.64 13.44
N GLY B 256 10.46 -17.14 13.12
CA GLY B 256 10.23 -18.47 12.47
C GLY B 256 10.77 -18.67 11.07
N ASP B 257 10.65 -17.63 10.23
CA ASP B 257 11.32 -17.60 8.91
C ASP B 257 12.83 -17.58 9.08
N ALA B 258 13.30 -16.88 10.10
CA ALA B 258 14.71 -16.84 10.42
C ALA B 258 15.20 -18.20 10.91
N THR B 259 14.39 -18.89 11.71
CA THR B 259 14.79 -20.20 12.21
C THR B 259 15.01 -21.17 11.05
N ILE B 260 14.07 -21.18 10.09
CA ILE B 260 14.16 -21.99 8.89
C ILE B 260 15.40 -21.64 8.07
N ALA B 261 15.68 -20.36 7.94
CA ALA B 261 16.92 -19.90 7.25
C ALA B 261 18.15 -20.44 7.92
N GLY B 262 18.17 -20.39 9.26
CA GLY B 262 19.31 -20.87 10.03
C GLY B 262 19.45 -22.38 9.90
N LEU B 263 18.33 -23.08 9.94
CA LEU B 263 18.29 -24.55 9.67
C LEU B 263 18.78 -24.88 8.26
N ALA B 264 18.29 -24.18 7.24
CA ALA B 264 18.77 -24.39 5.87
C ALA B 264 20.25 -24.15 5.76
N TYR B 265 20.73 -23.06 6.35
CA TYR B 265 22.16 -22.68 6.34
C TYR B 265 23.00 -23.79 7.04
N GLY B 266 22.52 -24.26 8.19
CA GLY B 266 23.21 -25.36 8.87
C GLY B 266 23.30 -26.63 8.01
N LEU B 267 22.17 -27.06 7.45
CA LEU B 267 22.13 -28.23 6.54
C LEU B 267 23.08 -28.06 5.37
N ALA B 268 23.09 -26.88 4.79
CA ALA B 268 23.96 -26.58 3.65
C ALA B 268 25.43 -26.76 3.96
N LYS B 269 25.84 -26.51 5.21
CA LYS B 269 27.24 -26.69 5.58
C LYS B 269 27.53 -28.04 6.26
N ASP B 270 26.61 -28.98 6.16
CA ASP B 270 26.71 -30.30 6.80
C ASP B 270 26.97 -30.22 8.31
N ALA B 271 26.31 -29.27 8.97
CA ALA B 271 26.42 -29.15 10.41
C ALA B 271 25.92 -30.45 11.12
N PRO B 272 26.69 -30.95 12.11
CA PRO B 272 26.17 -32.01 12.97
C PRO B 272 24.88 -31.56 13.66
N ALA B 273 24.12 -32.51 14.21
CA ALA B 273 22.83 -32.23 14.84
C ALA B 273 22.79 -31.07 15.84
N ALA B 274 23.66 -31.12 16.85
CA ALA B 274 23.71 -30.07 17.86
C ALA B 274 23.94 -28.71 17.19
N GLU B 275 24.88 -28.64 16.26
CA GLU B 275 25.24 -27.36 15.60
C GLU B 275 24.08 -26.84 14.71
N LEU B 276 23.41 -27.77 14.04
CA LEU B 276 22.31 -27.44 13.17
C LEU B 276 21.19 -26.76 13.96
N LEU B 277 20.83 -27.38 15.09
CA LEU B 277 19.83 -26.80 15.98
C LEU B 277 20.22 -25.42 16.56
N LYS B 278 21.50 -25.24 16.86
CA LYS B 278 21.97 -23.91 17.25
C LYS B 278 21.85 -22.81 16.16
N TRP B 279 22.21 -23.13 14.91
CA TRP B 279 22.05 -22.19 13.78
C TRP B 279 20.59 -21.74 13.65
N GLY B 280 19.67 -22.71 13.70
CA GLY B 280 18.27 -22.42 13.75
C GLY B 280 17.86 -21.49 14.88
N MSE B 281 18.15 -21.86 16.13
CA MSE B 281 17.77 -21.03 17.24
C MSE B 281 18.51 -19.69 17.18
O MSE B 281 17.91 -18.68 17.46
CB MSE B 281 18.10 -21.66 18.59
CG MSE B 281 17.29 -22.87 18.95
SE MSE B 281 15.45 -22.48 19.13
CE MSE B 281 14.99 -23.16 17.44
N ALA B 282 19.80 -19.69 16.85
CA ALA B 282 20.58 -18.46 16.88
C ALA B 282 20.06 -17.44 15.87
N ALA B 283 19.61 -17.91 14.70
CA ALA B 283 19.03 -17.04 13.66
C ALA B 283 17.69 -16.41 14.11
N GLY B 284 16.77 -17.25 14.62
CA GLY B 284 15.51 -16.81 15.20
C GLY B 284 15.73 -15.76 16.30
N MSE B 285 16.75 -15.97 17.13
CA MSE B 285 17.11 -15.04 18.22
C MSE B 285 17.60 -13.69 17.72
O MSE B 285 17.12 -12.66 18.16
CB MSE B 285 18.18 -15.65 19.13
CG MSE B 285 17.65 -16.71 20.13
SE MSE B 285 19.17 -17.67 20.90
CE MSE B 285 19.86 -16.28 22.07
N ALA B 286 18.55 -13.72 16.79
CA ALA B 286 19.10 -12.50 16.23
C ALA B 286 18.01 -11.69 15.50
N ASN B 287 17.12 -12.38 14.81
CA ASN B 287 16.02 -11.72 14.14
C ASN B 287 15.12 -10.96 15.11
N ALA B 288 14.82 -11.57 16.26
CA ALA B 288 13.95 -10.96 17.26
C ALA B 288 14.55 -9.68 17.88
N GLN B 289 15.88 -9.54 17.81
CA GLN B 289 16.61 -8.33 18.23
C GLN B 289 16.83 -7.33 17.07
N GLU B 290 15.90 -7.29 16.13
CA GLU B 290 16.03 -6.44 14.93
C GLU B 290 14.62 -5.98 14.57
N ARG B 291 14.49 -4.70 14.21
CA ARG B 291 13.17 -4.11 13.92
C ARG B 291 12.72 -4.62 12.56
N MSE B 292 13.68 -4.66 11.63
CA MSE B 292 13.46 -5.20 10.30
C MSE B 292 13.18 -6.72 10.36
O MSE B 292 14.01 -7.48 10.84
CB MSE B 292 14.63 -4.87 9.35
CG MSE B 292 16.03 -4.67 9.99
SE MSE B 292 17.00 -3.10 9.17
CE MSE B 292 18.34 -2.66 10.70
N THR B 293 11.99 -7.10 9.88
CA THR B 293 11.58 -8.49 9.72
C THR B 293 12.43 -9.18 8.65
N GLY B 294 12.77 -10.44 8.87
CA GLY B 294 13.68 -11.17 8.00
C GLY B 294 15.09 -10.56 7.88
N HIS B 295 15.65 -10.15 9.02
CA HIS B 295 17.01 -9.60 9.05
C HIS B 295 17.77 -9.92 10.35
N VAL B 296 19.00 -10.39 10.18
CA VAL B 296 19.91 -10.71 11.28
C VAL B 296 21.28 -10.10 11.00
N ASP B 297 22.05 -9.86 12.05
CA ASP B 297 23.48 -9.57 11.91
C ASP B 297 24.26 -10.83 12.26
N VAL B 298 25.13 -11.27 11.34
CA VAL B 298 25.78 -12.57 11.44
C VAL B 298 26.67 -12.72 12.69
N GLU B 299 27.30 -11.63 13.10
CA GLU B 299 28.16 -11.64 14.28
C GLU B 299 27.37 -11.92 15.55
N ASN B 300 26.15 -11.39 15.61
CA ASN B 300 25.28 -11.62 16.73
C ASN B 300 24.70 -13.06 16.74
N VAL B 301 24.54 -13.65 15.56
CA VAL B 301 24.12 -15.04 15.42
C VAL B 301 25.20 -15.94 16.02
N LYS B 302 26.42 -15.74 15.55
CA LYS B 302 27.59 -16.51 15.97
C LYS B 302 27.80 -16.45 17.49
N LYS B 303 27.52 -15.29 18.08
CA LYS B 303 27.54 -15.09 19.52
C LYS B 303 26.49 -15.97 20.27
N HIS B 304 25.26 -15.96 19.78
CA HIS B 304 24.18 -16.74 20.36
C HIS B 304 24.44 -18.25 20.31
N LEU B 305 25.21 -18.70 19.30
CA LEU B 305 25.59 -20.11 19.13
C LEU B 305 26.31 -20.69 20.35
N MSE B 306 27.07 -19.82 21.02
CA MSE B 306 27.88 -20.21 22.16
C MSE B 306 27.07 -20.41 23.43
O MSE B 306 27.55 -21.07 24.32
CB MSE B 306 28.95 -19.15 22.43
CG MSE B 306 29.68 -18.79 21.18
SE MSE B 306 31.29 -17.80 21.56
CE MSE B 306 30.60 -16.36 22.69
N ASN B 307 25.86 -19.86 23.49
CA ASN B 307 25.07 -19.86 24.70
C ASN B 307 23.75 -20.66 24.62
N ILE B 308 23.64 -21.50 23.60
CA ILE B 308 22.50 -22.40 23.42
C ILE B 308 22.93 -23.79 23.91
N GLN B 309 22.11 -24.46 24.73
CA GLN B 309 22.37 -25.84 25.12
C GLN B 309 21.46 -26.86 24.40
N VAL B 310 22.07 -27.85 23.76
CA VAL B 310 21.38 -28.99 23.13
C VAL B 310 21.51 -30.22 24.01
N VAL B 311 20.36 -30.73 24.41
CA VAL B 311 20.24 -31.81 25.34
C VAL B 311 19.55 -33.03 24.67
N GLU B 312 20.25 -34.15 24.57
CA GLU B 312 19.64 -35.42 24.18
C GLU B 312 18.72 -35.94 25.30
N ILE B 313 17.49 -36.29 24.92
CA ILE B 313 16.51 -36.85 25.85
C ILE B 313 16.51 -38.34 25.68
N ALA B 314 16.42 -39.09 26.76
CA ALA B 314 16.35 -40.56 26.69
C ALA B 314 15.15 -41.03 25.88
BR BR C . -3.27 15.20 -2.55
BR BR D . -31.53 39.23 -2.15
BR BR E . -7.93 5.58 -13.55
BR BR F . 6.81 8.70 3.55
BR BR G . 3.21 34.24 4.22
BR BR H . -28.08 44.38 -6.50
BR BR I . -5.60 20.69 -0.21
BR BR J . 3.45 -15.52 2.90
BR BR K . 1.46 -27.90 2.72
BR BR L . -1.40 -39.85 13.31
BR BR M . -6.59 -9.17 -3.17
BR BR N . 15.72 -7.03 0.39
#